data_4MOW
#
_entry.id   4MOW
#
_cell.length_a   68.990
_cell.length_b   82.380
_cell.length_c   168.350
_cell.angle_alpha   90.00
_cell.angle_beta   90.00
_cell.angle_gamma   90.00
#
_symmetry.space_group_name_H-M   'P 21 21 21'
#
loop_
_entity.id
_entity.type
_entity.pdbx_description
1 polymer 'Glucose 1-dehydrogenase'
2 non-polymer 'SODIUM ION'
3 water water
#
_entity_poly.entity_id   1
_entity_poly.type   'polypeptide(L)'
_entity_poly.pdbx_seq_one_letter_code
;MAHHHHHHMSKLAGKVAIVTGASKGIGAAIAKALADEGAAVVVNYASSKAGADAVVSAITEAGGRAVAVGGDVSKAADAQ
RIVDTAIETYGRLDVLVNNSGVYEFAPIEAITEEHYRRQFDTNVFGVLLTTQAAVKHLGEGASIINISSVVTSITPPASA
VYSGTKGAVDAITGVLALELGPRKIRVNAINPGMIVTEGTHSAGIIGSDLEAQVLGQTPLGRLGEPNDIASVAVFLASDD
ARWMTGEHLVVSGGLN
;
_entity_poly.pdbx_strand_id   A,B,C,D
#
# COMPACT_ATOMS: atom_id res chain seq x y z
N MET A 9 -22.88 -3.24 27.41
CA MET A 9 -23.65 -4.28 26.66
C MET A 9 -22.71 -5.03 25.71
N SER A 10 -22.90 -6.35 25.64
CA SER A 10 -22.20 -7.22 24.69
C SER A 10 -22.24 -6.62 23.30
N LYS A 11 -21.11 -6.58 22.62
CA LYS A 11 -21.08 -6.00 21.27
C LYS A 11 -21.84 -6.80 20.21
N LEU A 12 -22.00 -8.11 20.42
CA LEU A 12 -22.63 -8.95 19.41
C LEU A 12 -23.87 -9.64 19.97
N ALA A 13 -24.55 -8.97 20.92
CA ALA A 13 -25.80 -9.47 21.52
C ALA A 13 -26.78 -9.82 20.42
N GLY A 14 -27.35 -11.01 20.48
CA GLY A 14 -28.41 -11.39 19.57
C GLY A 14 -27.88 -11.76 18.20
N LYS A 15 -26.56 -11.78 18.01
CA LYS A 15 -25.99 -12.10 16.66
C LYS A 15 -25.49 -13.50 16.51
N VAL A 16 -25.31 -13.90 15.25
CA VAL A 16 -24.88 -15.26 14.91
C VAL A 16 -23.69 -15.19 13.94
N ALA A 17 -22.66 -15.97 14.23
CA ALA A 17 -21.43 -15.98 13.41
C ALA A 17 -21.10 -17.38 13.00
N ILE A 18 -20.51 -17.50 11.82
CA ILE A 18 -19.82 -18.72 11.42
C ILE A 18 -18.33 -18.44 11.45
N VAL A 19 -17.55 -19.39 11.96
CA VAL A 19 -16.08 -19.33 11.88
C VAL A 19 -15.64 -20.63 11.19
N THR A 20 -15.00 -20.53 10.03
CA THR A 20 -14.54 -21.70 9.30
C THR A 20 -13.13 -22.06 9.82
N GLY A 21 -12.79 -23.35 9.81
CA GLY A 21 -11.46 -23.77 10.23
C GLY A 21 -11.23 -23.41 11.66
N ALA A 22 -12.21 -23.74 12.50
CA ALA A 22 -12.22 -23.21 13.85
C ALA A 22 -11.90 -24.25 14.92
N SER A 23 -11.30 -25.38 14.57
CA SER A 23 -11.01 -26.41 15.58
C SER A 23 -9.83 -26.07 16.47
N LYS A 24 -8.98 -25.16 16.01
CA LYS A 24 -7.70 -24.93 16.64
C LYS A 24 -7.19 -23.51 16.31
N GLY A 25 -6.16 -23.09 17.01
CA GLY A 25 -5.40 -21.90 16.61
C GLY A 25 -6.26 -20.64 16.56
N ILE A 26 -5.97 -19.81 15.57
CA ILE A 26 -6.71 -18.56 15.34
C ILE A 26 -8.24 -18.72 15.29
N GLY A 27 -8.75 -19.66 14.48
CA GLY A 27 -10.21 -19.80 14.31
C GLY A 27 -10.90 -20.17 15.64
N ALA A 28 -10.26 -21.03 16.41
CA ALA A 28 -10.78 -21.41 17.72
C ALA A 28 -10.85 -20.20 18.62
N ALA A 29 -9.79 -19.40 18.62
CA ALA A 29 -9.78 -18.23 19.48
C ALA A 29 -10.78 -17.21 19.04
N ILE A 30 -10.95 -17.04 17.73
CA ILE A 30 -11.97 -16.13 17.21
C ILE A 30 -13.38 -16.55 17.62
N ALA A 31 -13.69 -17.83 17.48
CA ALA A 31 -15.02 -18.33 17.89
C ALA A 31 -15.30 -17.99 19.39
N LYS A 32 -14.33 -18.31 20.25
CA LYS A 32 -14.47 -18.03 21.66
C LYS A 32 -14.66 -16.54 21.96
N ALA A 33 -13.94 -15.67 21.23
CA ALA A 33 -14.00 -14.25 21.52
C ALA A 33 -15.34 -13.67 21.03
N LEU A 34 -15.82 -14.12 19.87
CA LEU A 34 -17.13 -13.70 19.37
C LEU A 34 -18.25 -14.11 20.38
N ALA A 35 -18.16 -15.34 20.87
CA ALA A 35 -19.12 -15.84 21.88
C ALA A 35 -19.05 -15.05 23.15
N ASP A 36 -17.84 -14.63 23.54
CA ASP A 36 -17.66 -13.80 24.74
C ASP A 36 -18.42 -12.50 24.63
N GLU A 37 -18.59 -12.01 23.41
CA GLU A 37 -19.37 -10.82 23.17
C GLU A 37 -20.83 -11.09 22.80
N GLY A 38 -21.33 -12.30 23.03
CA GLY A 38 -22.75 -12.59 22.87
C GLY A 38 -23.16 -13.25 21.55
N ALA A 39 -22.22 -13.50 20.64
CA ALA A 39 -22.62 -14.16 19.40
C ALA A 39 -22.76 -15.63 19.62
N ALA A 40 -23.80 -16.23 19.01
CA ALA A 40 -23.84 -17.68 18.88
C ALA A 40 -22.93 -18.08 17.72
N VAL A 41 -22.17 -19.16 17.84
CA VAL A 41 -21.12 -19.44 16.85
C VAL A 41 -21.18 -20.85 16.31
N VAL A 42 -21.26 -20.93 14.99
CA VAL A 42 -21.12 -22.17 14.28
C VAL A 42 -19.62 -22.36 14.10
N VAL A 43 -19.09 -23.40 14.72
CA VAL A 43 -17.67 -23.76 14.73
C VAL A 43 -17.47 -24.82 13.65
N ASN A 44 -16.96 -24.41 12.49
CA ASN A 44 -16.82 -25.34 11.40
C ASN A 44 -15.42 -25.95 11.52
N TYR A 45 -15.31 -27.25 11.28
CA TYR A 45 -13.98 -27.86 11.26
C TYR A 45 -13.85 -28.68 10.01
N ALA A 46 -12.62 -28.81 9.54
CA ALA A 46 -12.29 -29.55 8.32
C ALA A 46 -12.09 -31.00 8.69
N SER A 47 -11.30 -31.31 9.72
CA SER A 47 -11.20 -32.72 10.09
C SER A 47 -11.02 -33.04 11.59
N SER A 48 -10.61 -32.09 12.43
CA SER A 48 -10.54 -32.32 13.89
C SER A 48 -11.86 -32.01 14.61
N LYS A 49 -12.77 -32.98 14.59
CA LYS A 49 -14.01 -32.92 15.38
C LYS A 49 -13.73 -32.72 16.87
N ALA A 50 -12.71 -33.40 17.39
CA ALA A 50 -12.37 -33.28 18.81
C ALA A 50 -11.99 -31.84 19.15
N GLY A 51 -11.14 -31.23 18.33
CA GLY A 51 -10.79 -29.82 18.50
C GLY A 51 -12.02 -28.91 18.54
N ALA A 52 -12.93 -29.08 17.57
CA ALA A 52 -14.14 -28.24 17.49
C ALA A 52 -15.08 -28.48 18.71
N ASP A 53 -15.16 -29.73 19.13
CA ASP A 53 -15.97 -30.08 20.29
C ASP A 53 -15.40 -29.38 21.52
N ALA A 54 -14.07 -29.35 21.64
CA ALA A 54 -13.43 -28.63 22.76
C ALA A 54 -13.77 -27.14 22.75
N VAL A 55 -13.77 -26.53 21.57
CA VAL A 55 -14.05 -25.09 21.41
C VAL A 55 -15.50 -24.85 21.81
N VAL A 56 -16.41 -25.66 21.31
CA VAL A 56 -17.85 -25.57 21.73
C VAL A 56 -18.07 -25.75 23.25
N SER A 57 -17.42 -26.76 23.83
CA SER A 57 -17.55 -26.97 25.29
C SER A 57 -16.96 -25.79 26.02
N ALA A 58 -15.87 -25.21 25.50
CA ALA A 58 -15.30 -24.05 26.21
C ALA A 58 -16.25 -22.85 26.12
N ILE A 59 -16.89 -22.70 24.97
CA ILE A 59 -17.87 -21.65 24.78
C ILE A 59 -19.09 -21.85 25.67
N THR A 60 -19.65 -23.05 25.68
CA THR A 60 -20.86 -23.31 26.47
C THR A 60 -20.56 -23.30 27.97
N GLU A 61 -19.43 -23.89 28.38
CA GLU A 61 -18.97 -23.81 29.77
C GLU A 61 -18.88 -22.35 30.23
N ALA A 62 -18.52 -21.42 29.33
CA ALA A 62 -18.45 -20.01 29.71
C ALA A 62 -19.79 -19.28 29.55
N GLY A 63 -20.85 -20.02 29.25
CA GLY A 63 -22.20 -19.39 29.16
C GLY A 63 -22.66 -18.95 27.76
N GLY A 64 -22.02 -19.44 26.72
CA GLY A 64 -22.30 -18.98 25.37
C GLY A 64 -22.98 -20.10 24.61
N ARG A 65 -23.28 -19.86 23.34
CA ARG A 65 -23.86 -20.86 22.47
C ARG A 65 -22.93 -21.12 21.29
N ALA A 66 -22.80 -22.38 20.88
CA ALA A 66 -21.99 -22.75 19.78
C ALA A 66 -22.35 -24.16 19.36
N VAL A 67 -22.01 -24.48 18.11
CA VAL A 67 -22.29 -25.80 17.55
C VAL A 67 -21.24 -26.14 16.52
N ALA A 68 -20.75 -27.38 16.61
CA ALA A 68 -19.76 -27.84 15.68
C ALA A 68 -20.38 -28.34 14.40
N VAL A 69 -19.77 -28.05 13.26
CA VAL A 69 -20.20 -28.65 11.99
C VAL A 69 -18.98 -28.98 11.14
N GLY A 70 -18.91 -30.21 10.63
CA GLY A 70 -17.76 -30.66 9.82
C GLY A 70 -18.07 -30.37 8.38
N GLY A 71 -17.06 -30.04 7.60
CA GLY A 71 -17.28 -29.81 6.19
C GLY A 71 -16.09 -29.12 5.55
N ASP A 72 -15.93 -29.39 4.27
CA ASP A 72 -14.86 -28.90 3.43
C ASP A 72 -15.40 -27.70 2.65
N VAL A 73 -14.90 -26.51 2.99
CA VAL A 73 -15.38 -25.25 2.43
C VAL A 73 -15.15 -25.16 0.93
N SER A 74 -14.18 -25.92 0.42
CA SER A 74 -13.94 -26.04 -1.01
C SER A 74 -14.99 -26.84 -1.83
N LYS A 75 -15.92 -27.51 -1.13
CA LYS A 75 -17.03 -28.28 -1.75
C LYS A 75 -18.34 -27.54 -1.57
N ALA A 76 -18.96 -27.15 -2.66
CA ALA A 76 -20.16 -26.32 -2.56
C ALA A 76 -21.23 -26.84 -1.56
N ALA A 77 -21.45 -28.16 -1.53
CA ALA A 77 -22.49 -28.74 -0.68
C ALA A 77 -22.17 -28.51 0.78
N ASP A 78 -20.88 -28.64 1.12
CA ASP A 78 -20.44 -28.46 2.50
C ASP A 78 -20.55 -26.98 2.86
N ALA A 79 -20.15 -26.09 1.94
CA ALA A 79 -20.32 -24.62 2.14
C ALA A 79 -21.77 -24.25 2.48
N GLN A 80 -22.69 -24.84 1.73
CA GLN A 80 -24.14 -24.59 1.96
C GLN A 80 -24.60 -25.15 3.32
N ARG A 81 -24.17 -26.36 3.64
CA ARG A 81 -24.55 -26.99 4.91
C ARG A 81 -23.99 -26.24 6.15
N ILE A 82 -22.79 -25.67 6.02
CA ILE A 82 -22.25 -24.85 7.09
C ILE A 82 -23.18 -23.66 7.32
N VAL A 83 -23.61 -23.01 6.26
CA VAL A 83 -24.51 -21.86 6.38
C VAL A 83 -25.91 -22.27 6.86
N ASP A 84 -26.45 -23.37 6.34
CA ASP A 84 -27.72 -23.90 6.85
C ASP A 84 -27.66 -24.12 8.34
N THR A 85 -26.52 -24.61 8.84
CA THR A 85 -26.41 -24.90 10.26
C THR A 85 -26.64 -23.64 11.07
N ALA A 86 -26.14 -22.50 10.61
CA ALA A 86 -26.40 -21.23 11.34
C ALA A 86 -27.90 -20.90 11.41
N ILE A 87 -28.55 -20.94 10.27
CA ILE A 87 -29.96 -20.57 10.17
C ILE A 87 -30.86 -21.62 10.91
N GLU A 88 -30.59 -22.91 10.72
CA GLU A 88 -31.35 -23.97 11.42
C GLU A 88 -31.17 -23.93 12.92
N THR A 89 -29.93 -23.74 13.39
CA THR A 89 -29.65 -23.73 14.84
C THR A 89 -30.08 -22.46 15.50
N TYR A 90 -29.83 -21.30 14.86
CA TYR A 90 -29.98 -19.99 15.50
C TYR A 90 -30.95 -19.03 14.85
N GLY A 91 -31.44 -19.33 13.66
CA GLY A 91 -32.47 -18.51 12.99
C GLY A 91 -31.97 -17.38 12.09
N ARG A 92 -30.66 -17.11 12.08
CA ARG A 92 -30.16 -15.88 11.45
C ARG A 92 -28.65 -15.98 11.27
N LEU A 93 -28.08 -15.04 10.52
CA LEU A 93 -26.61 -14.95 10.32
C LEU A 93 -26.21 -13.51 10.15
N ASP A 94 -25.18 -13.10 10.89
CA ASP A 94 -24.74 -11.72 10.88
C ASP A 94 -23.24 -11.60 10.57
N VAL A 95 -22.44 -12.58 10.96
CA VAL A 95 -20.97 -12.48 10.88
C VAL A 95 -20.42 -13.75 10.25
N LEU A 96 -19.63 -13.57 9.19
CA LEU A 96 -18.89 -14.68 8.61
C LEU A 96 -17.37 -14.42 8.73
N VAL A 97 -16.64 -15.35 9.36
CA VAL A 97 -15.18 -15.33 9.42
C VAL A 97 -14.64 -16.51 8.61
N ASN A 98 -14.06 -16.20 7.45
CA ASN A 98 -13.43 -17.17 6.57
C ASN A 98 -11.99 -17.36 6.99
N ASN A 99 -11.77 -18.43 7.74
CA ASN A 99 -10.51 -18.66 8.35
C ASN A 99 -9.94 -19.97 7.87
N SER A 100 -10.79 -20.88 7.42
CA SER A 100 -10.27 -22.09 6.82
C SER A 100 -9.05 -21.74 5.93
N GLY A 101 -7.91 -22.32 6.23
CA GLY A 101 -6.80 -22.16 5.33
C GLY A 101 -5.73 -23.16 5.64
N VAL A 102 -4.97 -23.48 4.62
CA VAL A 102 -3.97 -24.47 4.74
C VAL A 102 -2.74 -23.73 4.26
N TYR A 103 -1.58 -24.24 4.64
CA TYR A 103 -0.36 -23.64 4.16
C TYR A 103 0.72 -24.68 3.89
N GLU A 104 1.46 -24.43 2.81
CA GLU A 104 2.63 -25.21 2.47
C GLU A 104 3.55 -24.31 1.69
N PHE A 105 4.82 -24.36 2.01
CA PHE A 105 5.86 -23.62 1.33
C PHE A 105 6.67 -24.46 0.39
N ALA A 106 7.10 -23.86 -0.70
CA ALA A 106 8.01 -24.48 -1.62
C ALA A 106 8.61 -23.42 -2.56
N PRO A 107 9.92 -23.51 -2.83
CA PRO A 107 10.54 -22.72 -3.82
C PRO A 107 10.01 -23.02 -5.24
N ILE A 108 10.23 -22.09 -6.15
CA ILE A 108 9.60 -22.16 -7.48
C ILE A 108 9.93 -23.50 -8.14
N GLU A 109 11.13 -24.02 -7.89
CA GLU A 109 11.59 -25.30 -8.50
C GLU A 109 10.78 -26.50 -8.06
N ALA A 110 10.24 -26.46 -6.85
CA ALA A 110 9.51 -27.59 -6.29
C ALA A 110 8.00 -27.49 -6.35
N ILE A 111 7.45 -26.40 -6.89
CA ILE A 111 6.01 -26.28 -6.95
C ILE A 111 5.38 -27.33 -7.88
N THR A 112 4.34 -27.99 -7.42
CA THR A 112 3.60 -28.95 -8.23
C THR A 112 2.11 -28.57 -8.30
N GLU A 113 1.39 -29.22 -9.23
CA GLU A 113 -0.02 -28.99 -9.44
C GLU A 113 -0.83 -29.12 -8.17
N GLU A 114 -0.54 -30.16 -7.36
CA GLU A 114 -1.30 -30.49 -6.13
C GLU A 114 -1.04 -29.46 -5.03
N HIS A 115 0.21 -29.04 -4.94
CA HIS A 115 0.64 -27.99 -4.04
C HIS A 115 -0.15 -26.71 -4.35
N TYR A 116 -0.26 -26.37 -5.64
CA TYR A 116 -1.08 -25.23 -6.13
C TYR A 116 -2.57 -25.41 -5.85
N ARG A 117 -3.15 -26.49 -6.36
CA ARG A 117 -4.60 -26.69 -6.24
C ARG A 117 -5.12 -26.79 -4.83
N ARG A 118 -4.46 -27.55 -3.98
CA ARG A 118 -4.91 -27.76 -2.60
C ARG A 118 -5.02 -26.44 -1.83
N GLN A 119 -4.01 -25.59 -1.99
CA GLN A 119 -4.02 -24.29 -1.28
C GLN A 119 -5.05 -23.32 -1.90
N PHE A 120 -5.08 -23.22 -3.20
CA PHE A 120 -6.07 -22.34 -3.81
C PHE A 120 -7.51 -22.79 -3.62
N ASP A 121 -7.77 -24.10 -3.72
CA ASP A 121 -9.13 -24.58 -3.52
C ASP A 121 -9.63 -24.23 -2.13
N THR A 122 -8.79 -24.37 -1.11
CA THR A 122 -9.25 -24.09 0.25
C THR A 122 -9.22 -22.60 0.61
N ASN A 123 -8.11 -21.95 0.29
CA ASN A 123 -7.87 -20.58 0.78
C ASN A 123 -8.56 -19.56 -0.09
N VAL A 124 -8.83 -19.90 -1.37
CA VAL A 124 -9.56 -18.99 -2.25
C VAL A 124 -10.98 -19.48 -2.55
N PHE A 125 -11.07 -20.63 -3.19
CA PHE A 125 -12.37 -21.07 -3.60
C PHE A 125 -13.29 -21.30 -2.39
N GLY A 126 -12.75 -21.85 -1.32
CA GLY A 126 -13.53 -22.03 -0.09
C GLY A 126 -14.04 -20.73 0.50
N VAL A 127 -13.28 -19.65 0.34
CA VAL A 127 -13.75 -18.35 0.76
C VAL A 127 -14.91 -17.89 -0.14
N LEU A 128 -14.77 -18.09 -1.45
CA LEU A 128 -15.83 -17.63 -2.36
C LEU A 128 -17.13 -18.43 -2.13
N LEU A 129 -17.02 -19.73 -1.97
CA LEU A 129 -18.21 -20.63 -1.83
C LEU A 129 -18.93 -20.35 -0.51
N THR A 130 -18.18 -20.23 0.57
CA THR A 130 -18.77 -19.96 1.87
C THR A 130 -19.45 -18.59 1.85
N THR A 131 -18.76 -17.59 1.30
CA THR A 131 -19.35 -16.27 1.17
C THR A 131 -20.58 -16.26 0.28
N GLN A 132 -20.52 -16.96 -0.84
CA GLN A 132 -21.67 -17.05 -1.74
C GLN A 132 -22.90 -17.64 -1.06
N ALA A 133 -22.72 -18.73 -0.36
CA ALA A 133 -23.83 -19.32 0.40
C ALA A 133 -24.33 -18.36 1.51
N ALA A 134 -23.43 -17.67 2.20
CA ALA A 134 -23.83 -16.77 3.31
C ALA A 134 -24.58 -15.54 2.88
N VAL A 135 -24.25 -14.96 1.72
CA VAL A 135 -24.78 -13.63 1.45
C VAL A 135 -26.28 -13.55 1.26
N LYS A 136 -26.92 -14.64 0.86
CA LYS A 136 -28.38 -14.71 0.77
C LYS A 136 -29.04 -14.48 2.13
N HIS A 137 -28.29 -14.61 3.23
CA HIS A 137 -28.82 -14.39 4.60
C HIS A 137 -28.26 -13.18 5.31
N LEU A 138 -27.39 -12.42 4.64
CA LEU A 138 -26.80 -11.23 5.23
C LEU A 138 -27.56 -9.98 4.84
N GLY A 139 -27.79 -9.13 5.81
CA GLY A 139 -28.45 -7.87 5.57
C GLY A 139 -27.60 -6.74 6.06
N GLU A 140 -28.24 -5.59 6.17
CA GLU A 140 -27.53 -4.37 6.59
C GLU A 140 -26.88 -4.56 7.93
N GLY A 141 -25.64 -4.10 8.05
CA GLY A 141 -24.89 -4.30 9.26
C GLY A 141 -24.10 -5.60 9.39
N ALA A 142 -24.28 -6.52 8.46
CA ALA A 142 -23.52 -7.79 8.48
C ALA A 142 -22.02 -7.53 8.21
N SER A 143 -21.17 -8.47 8.65
CA SER A 143 -19.73 -8.30 8.55
C SER A 143 -19.08 -9.61 8.17
N ILE A 144 -18.35 -9.57 7.06
CA ILE A 144 -17.59 -10.68 6.58
C ILE A 144 -16.14 -10.32 6.90
N ILE A 145 -15.43 -11.22 7.56
CA ILE A 145 -14.00 -11.05 7.86
C ILE A 145 -13.21 -12.20 7.22
N ASN A 146 -12.30 -11.85 6.32
CA ASN A 146 -11.43 -12.81 5.69
C ASN A 146 -10.09 -12.84 6.38
N ILE A 147 -9.63 -14.03 6.79
CA ILE A 147 -8.33 -14.15 7.39
C ILE A 147 -7.29 -14.38 6.30
N SER A 148 -6.46 -13.37 6.09
CA SER A 148 -5.48 -13.39 5.07
C SER A 148 -4.14 -13.64 5.76
N SER A 149 -3.09 -12.89 5.45
CA SER A 149 -1.82 -13.06 6.11
C SER A 149 -0.92 -11.88 5.82
N VAL A 150 -0.05 -11.59 6.78
CA VAL A 150 1.03 -10.60 6.58
C VAL A 150 1.91 -10.91 5.37
N VAL A 151 1.90 -12.15 4.86
CA VAL A 151 2.66 -12.45 3.62
C VAL A 151 2.30 -11.60 2.42
N THR A 152 1.10 -11.01 2.38
CA THR A 152 0.81 -10.11 1.28
C THR A 152 1.63 -8.81 1.31
N SER A 153 2.15 -8.48 2.49
CA SER A 153 3.05 -7.33 2.63
C SER A 153 4.54 -7.73 2.53
N ILE A 154 4.94 -8.82 3.17
CA ILE A 154 6.36 -9.18 3.24
C ILE A 154 6.80 -10.23 2.22
N THR A 155 5.85 -10.92 1.60
CA THR A 155 6.05 -11.88 0.49
C THR A 155 7.37 -12.67 0.60
N PRO A 156 7.48 -13.58 1.56
CA PRO A 156 8.81 -14.19 1.83
C PRO A 156 9.19 -15.20 0.75
N PRO A 157 10.49 -15.40 0.55
CA PRO A 157 10.91 -16.51 -0.36
C PRO A 157 10.25 -17.86 -0.05
N ALA A 158 10.06 -18.68 -1.08
CA ALA A 158 9.46 -20.06 -0.96
C ALA A 158 7.98 -20.11 -0.52
N SER A 159 7.28 -18.98 -0.69
CA SER A 159 5.88 -18.94 -0.40
C SER A 159 4.99 -18.54 -1.59
N ALA A 160 5.44 -18.79 -2.85
CA ALA A 160 4.71 -18.25 -3.98
C ALA A 160 3.28 -18.68 -4.00
N VAL A 161 3.02 -19.98 -3.82
CA VAL A 161 1.64 -20.41 -3.80
C VAL A 161 0.83 -19.84 -2.60
N TYR A 162 1.37 -19.99 -1.40
CA TYR A 162 0.66 -19.57 -0.19
C TYR A 162 0.34 -18.05 -0.27
N SER A 163 1.40 -17.27 -0.54
CA SER A 163 1.25 -15.82 -0.62
C SER A 163 0.30 -15.43 -1.73
N GLY A 164 0.38 -16.17 -2.84
CA GLY A 164 -0.54 -16.00 -3.95
C GLY A 164 -1.97 -16.17 -3.50
N THR A 165 -2.22 -17.16 -2.65
CA THR A 165 -3.62 -17.38 -2.12
C THR A 165 -4.12 -16.14 -1.30
N LYS A 166 -3.21 -15.61 -0.52
CA LYS A 166 -3.53 -14.53 0.38
C LYS A 166 -3.63 -13.22 -0.40
N GLY A 167 -2.84 -13.05 -1.47
CA GLY A 167 -3.01 -11.88 -2.36
C GLY A 167 -4.37 -11.90 -2.97
N ALA A 168 -4.83 -13.12 -3.30
CA ALA A 168 -6.14 -13.31 -3.88
C ALA A 168 -7.21 -12.95 -2.89
N VAL A 169 -7.06 -13.43 -1.67
CA VAL A 169 -7.98 -13.06 -0.61
C VAL A 169 -8.07 -11.54 -0.36
N ASP A 170 -6.93 -10.86 -0.36
CA ASP A 170 -6.89 -9.42 -0.17
C ASP A 170 -7.70 -8.72 -1.27
N ALA A 171 -7.54 -9.18 -2.51
CA ALA A 171 -8.21 -8.50 -3.65
C ALA A 171 -9.73 -8.82 -3.61
N ILE A 172 -10.07 -10.05 -3.31
CA ILE A 172 -11.50 -10.47 -3.14
C ILE A 172 -12.17 -9.61 -2.04
N THR A 173 -11.42 -9.30 -0.97
CA THR A 173 -11.94 -8.48 0.13
C THR A 173 -12.30 -7.12 -0.45
N GLY A 174 -11.43 -6.52 -1.26
CA GLY A 174 -11.74 -5.24 -1.85
C GLY A 174 -12.92 -5.26 -2.81
N VAL A 175 -12.97 -6.29 -3.63
CA VAL A 175 -14.05 -6.42 -4.60
C VAL A 175 -15.39 -6.50 -3.85
N LEU A 176 -15.46 -7.41 -2.90
CA LEU A 176 -16.76 -7.64 -2.27
C LEU A 176 -17.16 -6.48 -1.37
N ALA A 177 -16.19 -5.77 -0.84
CA ALA A 177 -16.51 -4.51 -0.15
C ALA A 177 -17.27 -3.56 -1.06
N LEU A 178 -16.80 -3.43 -2.30
CA LEU A 178 -17.50 -2.53 -3.25
C LEU A 178 -18.81 -3.16 -3.72
N GLU A 179 -18.79 -4.45 -4.01
CA GLU A 179 -19.93 -5.12 -4.58
C GLU A 179 -21.09 -5.18 -3.56
N LEU A 180 -20.75 -5.36 -2.28
CA LEU A 180 -21.79 -5.54 -1.25
C LEU A 180 -22.08 -4.26 -0.47
N GLY A 181 -21.30 -3.22 -0.72
CA GLY A 181 -21.51 -1.91 -0.10
C GLY A 181 -22.94 -1.33 -0.15
N PRO A 182 -23.60 -1.36 -1.32
CA PRO A 182 -24.99 -0.86 -1.35
C PRO A 182 -25.97 -1.66 -0.46
N ARG A 183 -25.70 -2.94 -0.22
CA ARG A 183 -26.44 -3.72 0.79
C ARG A 183 -26.02 -3.48 2.25
N LYS A 184 -25.01 -2.66 2.45
CA LYS A 184 -24.44 -2.31 3.74
C LYS A 184 -23.88 -3.51 4.49
N ILE A 185 -23.35 -4.46 3.76
CA ILE A 185 -22.58 -5.55 4.30
C ILE A 185 -21.10 -5.13 4.19
N ARG A 186 -20.39 -5.16 5.30
CA ARG A 186 -18.97 -4.85 5.35
C ARG A 186 -18.12 -6.08 5.08
N VAL A 187 -17.00 -5.86 4.39
CA VAL A 187 -16.06 -6.92 4.06
C VAL A 187 -14.68 -6.38 4.33
N ASN A 188 -13.95 -7.03 5.22
CA ASN A 188 -12.59 -6.64 5.60
C ASN A 188 -11.73 -7.88 5.84
N ALA A 189 -10.41 -7.68 5.84
CA ALA A 189 -9.44 -8.71 6.01
C ALA A 189 -8.60 -8.38 7.25
N ILE A 190 -8.19 -9.45 7.90
CA ILE A 190 -7.13 -9.38 8.87
C ILE A 190 -5.98 -10.12 8.28
N ASN A 191 -4.78 -9.54 8.42
CA ASN A 191 -3.57 -10.10 7.87
C ASN A 191 -2.64 -10.45 9.03
N PRO A 192 -2.85 -11.62 9.61
CA PRO A 192 -1.99 -12.00 10.77
C PRO A 192 -0.55 -12.25 10.44
N GLY A 193 0.29 -11.88 11.39
CA GLY A 193 1.68 -12.33 11.45
C GLY A 193 1.78 -13.80 11.79
N MET A 194 3.02 -14.27 11.97
CA MET A 194 3.23 -15.62 12.42
C MET A 194 2.61 -15.76 13.82
N ILE A 195 1.79 -16.77 14.00
CA ILE A 195 1.11 -17.00 15.25
C ILE A 195 1.63 -18.30 15.89
N VAL A 196 1.99 -18.24 17.16
CA VAL A 196 2.51 -19.41 17.88
C VAL A 196 1.57 -19.83 18.97
N THR A 197 1.83 -21.00 19.55
CA THR A 197 0.95 -21.55 20.56
C THR A 197 0.72 -20.56 21.70
N GLU A 198 -0.53 -20.42 22.10
CA GLU A 198 -0.86 -19.68 23.30
C GLU A 198 0.03 -20.13 24.51
N GLY A 199 0.65 -19.18 25.22
CA GLY A 199 1.53 -19.51 26.39
C GLY A 199 3.00 -19.42 26.02
N THR A 200 3.30 -19.33 24.73
CA THR A 200 4.68 -19.35 24.29
C THR A 200 5.48 -18.20 24.92
N HIS A 201 4.95 -16.99 24.85
CA HIS A 201 5.66 -15.82 25.32
C HIS A 201 5.82 -15.92 26.84
N SER A 202 4.79 -16.35 27.54
CA SER A 202 4.92 -16.58 29.02
C SER A 202 5.91 -17.68 29.38
N ALA A 203 6.05 -18.69 28.52
CA ALA A 203 7.01 -19.77 28.76
C ALA A 203 8.44 -19.41 28.37
N GLY A 204 8.60 -18.28 27.68
CA GLY A 204 9.88 -17.81 27.25
C GLY A 204 10.57 -18.62 26.15
N ILE A 205 9.75 -19.28 25.34
CA ILE A 205 10.24 -20.19 24.31
C ILE A 205 10.36 -19.50 22.96
N ILE A 206 11.52 -19.65 22.31
CA ILE A 206 11.71 -19.33 20.89
C ILE A 206 11.88 -20.69 20.23
N GLY A 207 10.87 -21.12 19.47
CA GLY A 207 10.75 -22.54 19.13
C GLY A 207 11.59 -23.05 17.97
N SER A 208 12.13 -22.16 17.12
CA SER A 208 12.68 -22.57 15.82
C SER A 208 13.47 -21.39 15.20
N ASP A 209 14.35 -21.68 14.23
CA ASP A 209 15.07 -20.65 13.50
C ASP A 209 14.05 -19.64 12.86
N LEU A 210 12.96 -20.16 12.31
CA LEU A 210 11.99 -19.26 11.64
C LEU A 210 11.41 -18.30 12.67
N GLU A 211 10.99 -18.83 13.84
CA GLU A 211 10.49 -17.95 14.89
C GLU A 211 11.49 -16.89 15.24
N ALA A 212 12.75 -17.28 15.43
CA ALA A 212 13.81 -16.33 15.75
C ALA A 212 13.97 -15.25 14.71
N GLN A 213 13.90 -15.62 13.44
CA GLN A 213 14.08 -14.64 12.36
C GLN A 213 12.88 -13.63 12.31
N VAL A 214 11.67 -14.14 12.50
CA VAL A 214 10.51 -13.27 12.47
C VAL A 214 10.52 -12.37 13.73
N LEU A 215 10.89 -12.96 14.85
CA LEU A 215 10.96 -12.22 16.12
C LEU A 215 11.92 -11.06 16.02
N GLY A 216 13.08 -11.29 15.39
CA GLY A 216 14.07 -10.23 15.21
C GLY A 216 13.53 -9.08 14.36
N GLN A 217 12.54 -9.33 13.49
CA GLN A 217 11.95 -8.27 12.68
C GLN A 217 10.60 -7.74 13.20
N THR A 218 10.18 -8.17 14.37
CA THR A 218 8.95 -7.79 14.97
C THR A 218 9.19 -6.70 16.04
N PRO A 219 8.74 -5.46 15.77
CA PRO A 219 9.03 -4.31 16.66
C PRO A 219 8.54 -4.53 18.06
N LEU A 220 7.36 -5.11 18.24
CA LEU A 220 6.84 -5.37 19.57
C LEU A 220 7.48 -6.52 20.39
N GLY A 221 8.47 -7.23 19.87
CA GLY A 221 9.33 -8.06 20.72
C GLY A 221 8.80 -9.42 21.18
N ARG A 222 7.82 -9.99 20.51
CA ARG A 222 7.42 -11.36 20.70
C ARG A 222 6.75 -11.82 19.39
N LEU A 223 6.24 -13.04 19.36
CA LEU A 223 5.34 -13.42 18.30
C LEU A 223 3.88 -13.39 18.72
N GLY A 224 2.97 -13.27 17.74
CA GLY A 224 1.55 -13.22 18.02
C GLY A 224 1.09 -14.59 18.52
N GLU A 225 0.02 -14.57 19.29
CA GLU A 225 -0.69 -15.75 19.73
C GLU A 225 -2.14 -15.62 19.31
N PRO A 226 -2.93 -16.71 19.38
CA PRO A 226 -4.25 -16.59 18.78
C PRO A 226 -5.12 -15.47 19.26
N ASN A 227 -5.14 -15.20 20.56
CA ASN A 227 -6.00 -14.11 21.06
C ASN A 227 -5.64 -12.72 20.53
N ASP A 228 -4.40 -12.54 20.08
CA ASP A 228 -4.00 -11.31 19.37
C ASP A 228 -4.80 -11.04 18.11
N ILE A 229 -5.16 -12.10 17.44
CA ILE A 229 -6.00 -12.00 16.25
C ILE A 229 -7.47 -11.96 16.62
N ALA A 230 -7.85 -12.74 17.61
CA ALA A 230 -9.26 -12.84 17.95
C ALA A 230 -9.87 -11.48 18.32
N SER A 231 -9.11 -10.66 19.05
CA SER A 231 -9.67 -9.42 19.54
C SER A 231 -9.91 -8.45 18.36
N VAL A 232 -9.12 -8.58 17.30
CA VAL A 232 -9.31 -7.78 16.11
C VAL A 232 -10.54 -8.24 15.32
N ALA A 233 -10.71 -9.57 15.26
CA ALA A 233 -11.90 -10.13 14.65
C ALA A 233 -13.16 -9.60 15.30
N VAL A 234 -13.17 -9.49 16.65
CA VAL A 234 -14.39 -9.04 17.31
C VAL A 234 -14.66 -7.60 16.94
N PHE A 235 -13.60 -6.80 16.92
CA PHE A 235 -13.70 -5.42 16.52
C PHE A 235 -14.41 -5.28 15.13
N LEU A 236 -13.89 -6.01 14.14
CA LEU A 236 -14.38 -5.91 12.78
C LEU A 236 -15.81 -6.44 12.68
N ALA A 237 -16.13 -7.40 13.54
CA ALA A 237 -17.47 -8.00 13.58
C ALA A 237 -18.48 -7.05 14.14
N SER A 238 -18.05 -6.19 15.07
CA SER A 238 -18.94 -5.31 15.79
C SER A 238 -19.28 -4.04 15.01
N ASP A 239 -20.23 -3.30 15.58
CA ASP A 239 -20.58 -1.96 15.12
C ASP A 239 -19.49 -0.90 15.32
N ASP A 240 -18.46 -1.23 16.08
CA ASP A 240 -17.35 -0.31 16.26
C ASP A 240 -16.65 -0.05 14.92
N ALA A 241 -16.73 -1.05 14.03
CA ALA A 241 -16.07 -0.99 12.70
C ALA A 241 -17.08 -0.65 11.62
N ARG A 242 -18.16 0.02 12.00
CA ARG A 242 -19.24 0.24 11.02
C ARG A 242 -18.86 1.10 9.82
N TRP A 243 -17.81 1.90 9.96
CA TRP A 243 -17.41 2.79 8.88
C TRP A 243 -16.10 2.32 8.20
N MET A 244 -15.78 1.05 8.40
CA MET A 244 -14.67 0.39 7.74
C MET A 244 -15.17 -0.74 6.84
N THR A 245 -14.82 -0.65 5.58
CA THR A 245 -15.00 -1.78 4.65
C THR A 245 -13.93 -1.71 3.61
N GLY A 246 -13.50 -2.88 3.19
CA GLY A 246 -12.42 -3.04 2.23
C GLY A 246 -11.02 -2.89 2.82
N GLU A 247 -10.88 -2.95 4.15
CA GLU A 247 -9.56 -2.73 4.77
C GLU A 247 -8.87 -4.07 5.02
N HIS A 248 -7.54 -4.03 5.16
CA HIS A 248 -6.75 -5.18 5.44
C HIS A 248 -5.90 -4.80 6.65
N LEU A 249 -6.23 -5.34 7.80
CA LEU A 249 -5.55 -4.92 9.03
C LEU A 249 -4.39 -5.89 9.30
N VAL A 250 -3.15 -5.39 9.19
CA VAL A 250 -2.00 -6.21 9.51
C VAL A 250 -1.87 -6.31 11.03
N VAL A 251 -1.86 -7.53 11.51
CA VAL A 251 -1.84 -7.83 12.95
C VAL A 251 -0.62 -8.78 13.20
N SER A 252 0.55 -8.18 13.28
CA SER A 252 1.80 -8.87 13.28
C SER A 252 2.79 -8.28 14.29
N GLY A 253 2.34 -7.42 15.19
CA GLY A 253 3.27 -6.76 16.11
C GLY A 253 4.17 -5.78 15.43
N GLY A 254 3.73 -5.25 14.28
CA GLY A 254 4.50 -4.22 13.59
C GLY A 254 5.35 -4.64 12.41
N LEU A 255 5.30 -5.91 12.07
CA LEU A 255 6.07 -6.42 10.91
C LEU A 255 5.26 -6.22 9.63
N ASN A 256 5.83 -5.47 8.71
CA ASN A 256 5.24 -5.31 7.40
C ASN A 256 6.30 -4.97 6.35
N MET B 9 -16.21 -5.18 31.49
CA MET B 9 -15.13 -4.35 32.13
C MET B 9 -14.71 -3.23 31.17
N SER B 10 -14.70 -2.00 31.67
CA SER B 10 -14.22 -0.87 30.92
C SER B 10 -12.80 -1.17 30.41
N LYS B 11 -12.62 -1.05 29.10
CA LYS B 11 -11.34 -1.36 28.43
C LYS B 11 -10.19 -0.47 28.83
N LEU B 12 -10.49 0.74 29.29
CA LEU B 12 -9.46 1.74 29.60
C LEU B 12 -9.54 2.25 31.04
N ALA B 13 -10.13 1.43 31.89
CA ALA B 13 -10.29 1.71 33.29
C ALA B 13 -8.93 2.09 33.88
N GLY B 14 -8.86 3.28 34.45
CA GLY B 14 -7.62 3.67 35.14
C GLY B 14 -6.58 4.29 34.22
N LYS B 15 -6.78 4.25 32.90
CA LYS B 15 -5.84 4.87 31.97
C LYS B 15 -6.13 6.32 31.80
N VAL B 16 -5.12 7.05 31.34
CA VAL B 16 -5.23 8.44 31.08
C VAL B 16 -4.88 8.72 29.61
N ALA B 17 -5.73 9.50 28.97
CA ALA B 17 -5.58 9.91 27.61
C ALA B 17 -5.50 11.42 27.46
N ILE B 18 -4.74 11.85 26.44
CA ILE B 18 -4.80 13.20 25.91
C ILE B 18 -5.39 13.13 24.52
N VAL B 19 -6.36 14.01 24.24
CA VAL B 19 -6.84 14.23 22.88
C VAL B 19 -6.61 15.69 22.51
N THR B 20 -5.80 15.92 21.47
CA THR B 20 -5.53 17.30 20.99
C THR B 20 -6.61 17.70 20.05
N GLY B 21 -6.88 18.99 20.00
CA GLY B 21 -7.97 19.55 19.20
C GLY B 21 -9.28 18.84 19.42
N ALA B 22 -9.72 18.79 20.65
CA ALA B 22 -10.89 18.02 21.10
C ALA B 22 -12.11 18.84 21.47
N SER B 23 -12.14 20.12 21.11
CA SER B 23 -13.34 20.97 21.37
C SER B 23 -14.58 20.64 20.56
N LYS B 24 -14.41 20.10 19.34
CA LYS B 24 -15.53 19.78 18.44
C LYS B 24 -15.20 18.54 17.58
N GLY B 25 -16.15 18.11 16.76
CA GLY B 25 -15.92 17.15 15.67
C GLY B 25 -15.37 15.81 16.14
N ILE B 26 -14.39 15.33 15.37
CA ILE B 26 -13.76 14.07 15.66
C ILE B 26 -13.13 14.04 17.05
N GLY B 27 -12.21 14.96 17.32
CA GLY B 27 -11.60 15.11 18.63
C GLY B 27 -12.52 15.00 19.81
N ALA B 28 -13.60 15.77 19.81
CA ALA B 28 -14.63 15.69 20.89
C ALA B 28 -15.25 14.34 21.07
N ALA B 29 -15.61 13.70 19.96
CA ALA B 29 -16.27 12.37 20.01
C ALA B 29 -15.27 11.35 20.51
N ILE B 30 -14.01 11.46 20.07
CA ILE B 30 -12.95 10.57 20.58
C ILE B 30 -12.82 10.71 22.13
N ALA B 31 -12.71 11.95 22.60
CA ALA B 31 -12.64 12.18 24.07
C ALA B 31 -13.78 11.51 24.81
N LYS B 32 -15.01 11.74 24.37
CA LYS B 32 -16.15 11.13 25.05
C LYS B 32 -16.14 9.60 25.01
N ALA B 33 -15.77 9.07 23.84
CA ALA B 33 -15.72 7.65 23.68
C ALA B 33 -14.64 6.99 24.56
N LEU B 34 -13.46 7.62 24.68
CA LEU B 34 -12.43 7.06 25.57
C LEU B 34 -12.90 7.03 27.05
N ALA B 35 -13.55 8.13 27.46
CA ALA B 35 -14.02 8.23 28.82
C ALA B 35 -15.14 7.25 29.06
N ASP B 36 -15.95 7.00 28.04
CA ASP B 36 -16.97 5.95 28.17
C ASP B 36 -16.35 4.54 28.47
N GLU B 37 -15.12 4.31 28.01
CA GLU B 37 -14.42 3.09 28.37
C GLU B 37 -13.53 3.26 29.62
N GLY B 38 -13.72 4.34 30.36
CA GLY B 38 -13.12 4.47 31.67
C GLY B 38 -11.85 5.28 31.71
N ALA B 39 -11.42 5.82 30.58
CA ALA B 39 -10.21 6.69 30.56
C ALA B 39 -10.50 8.06 31.16
N ALA B 40 -9.56 8.61 31.91
CA ALA B 40 -9.56 10.01 32.24
C ALA B 40 -8.99 10.77 31.06
N VAL B 41 -9.57 11.90 30.67
CA VAL B 41 -9.21 12.52 29.43
C VAL B 41 -8.83 13.97 29.60
N VAL B 42 -7.62 14.31 29.15
CA VAL B 42 -7.20 15.69 28.99
C VAL B 42 -7.70 16.15 27.62
N VAL B 43 -8.63 17.10 27.68
CA VAL B 43 -9.30 17.65 26.55
C VAL B 43 -8.59 18.96 26.17
N ASN B 44 -7.72 18.88 25.18
CA ASN B 44 -6.99 20.05 24.67
C ASN B 44 -7.77 20.78 23.56
N TYR B 45 -7.78 22.10 23.64
CA TYR B 45 -8.34 22.95 22.60
C TYR B 45 -7.35 24.03 22.22
N ALA B 46 -7.43 24.45 20.97
CA ALA B 46 -6.60 25.52 20.43
C ALA B 46 -7.27 26.84 20.61
N SER B 47 -8.56 26.92 20.28
CA SER B 47 -9.32 28.19 20.34
C SER B 47 -10.52 28.08 21.28
N SER B 48 -11.41 27.15 20.96
CA SER B 48 -12.74 27.12 21.57
C SER B 48 -12.82 26.51 22.96
N LYS B 49 -12.53 27.34 23.97
CA LYS B 49 -12.71 26.97 25.37
C LYS B 49 -14.10 26.42 25.67
N ALA B 50 -15.15 27.08 25.17
CA ALA B 50 -16.54 26.62 25.43
C ALA B 50 -16.82 25.21 24.89
N GLY B 51 -16.28 24.90 23.70
CA GLY B 51 -16.36 23.53 23.14
C GLY B 51 -15.75 22.50 24.09
N ALA B 52 -14.55 22.78 24.57
CA ALA B 52 -13.84 21.85 25.45
C ALA B 52 -14.57 21.72 26.77
N ASP B 53 -15.04 22.84 27.32
CA ASP B 53 -15.77 22.79 28.62
C ASP B 53 -17.03 21.96 28.49
N ALA B 54 -17.73 22.03 27.37
CA ALA B 54 -18.92 21.20 27.19
C ALA B 54 -18.58 19.70 26.99
N VAL B 55 -17.48 19.40 26.30
CA VAL B 55 -16.95 18.02 26.28
C VAL B 55 -16.65 17.49 27.67
N VAL B 56 -15.93 18.29 28.45
CA VAL B 56 -15.67 17.94 29.83
C VAL B 56 -16.95 17.71 30.63
N SER B 57 -17.93 18.62 30.51
CA SER B 57 -19.19 18.52 31.27
C SER B 57 -19.93 17.23 30.86
N ALA B 58 -20.01 17.02 29.56
CA ALA B 58 -20.57 15.77 29.03
C ALA B 58 -19.92 14.52 29.64
N ILE B 59 -18.60 14.55 29.80
CA ILE B 59 -17.89 13.39 30.35
C ILE B 59 -18.16 13.23 31.86
N THR B 60 -18.08 14.33 32.60
CA THR B 60 -18.22 14.27 34.05
C THR B 60 -19.67 13.92 34.41
N GLU B 61 -20.64 14.47 33.68
CA GLU B 61 -22.05 14.11 33.87
C GLU B 61 -22.36 12.65 33.50
N ALA B 62 -21.52 12.01 32.68
CA ALA B 62 -21.73 10.58 32.44
C ALA B 62 -20.88 9.70 33.41
N GLY B 63 -20.32 10.33 34.45
CA GLY B 63 -19.56 9.62 35.48
C GLY B 63 -18.05 9.42 35.27
N GLY B 64 -17.48 9.97 34.20
CA GLY B 64 -16.04 9.86 33.91
C GLY B 64 -15.25 11.07 34.40
N ARG B 65 -13.95 11.08 34.15
CA ARG B 65 -13.08 12.16 34.60
C ARG B 65 -12.48 12.88 33.38
N ALA B 66 -12.44 14.20 33.38
CA ALA B 66 -11.82 14.94 32.23
C ALA B 66 -11.45 16.31 32.67
N VAL B 67 -10.51 16.95 31.97
CA VAL B 67 -10.10 18.31 32.27
C VAL B 67 -9.75 19.00 30.95
N ALA B 68 -10.05 20.27 30.84
CA ALA B 68 -9.72 21.00 29.63
C ALA B 68 -8.41 21.75 29.77
N VAL B 69 -7.71 21.89 28.66
CA VAL B 69 -6.46 22.62 28.65
C VAL B 69 -6.25 23.28 27.28
N GLY B 70 -6.09 24.59 27.30
CA GLY B 70 -5.94 25.33 26.08
C GLY B 70 -4.50 25.32 25.69
N GLY B 71 -4.24 25.27 24.39
CA GLY B 71 -2.86 25.36 23.91
C GLY B 71 -2.73 25.05 22.44
N ASP B 72 -1.65 25.54 21.86
CA ASP B 72 -1.37 25.41 20.46
C ASP B 72 -0.26 24.36 20.36
N VAL B 73 -0.62 23.18 19.86
CA VAL B 73 0.35 22.07 19.77
C VAL B 73 1.60 22.39 18.92
N SER B 74 1.52 23.38 18.05
CA SER B 74 2.68 23.76 17.23
C SER B 74 3.73 24.59 17.98
N LYS B 75 3.46 24.89 19.26
CA LYS B 75 4.40 25.60 20.15
C LYS B 75 4.93 24.64 21.26
N ALA B 76 6.25 24.46 21.34
CA ALA B 76 6.87 23.51 22.28
C ALA B 76 6.40 23.64 23.71
N ALA B 77 6.23 24.90 24.17
CA ALA B 77 5.82 25.11 25.54
C ALA B 77 4.40 24.64 25.76
N ASP B 78 3.51 24.88 24.80
CA ASP B 78 2.13 24.47 24.96
C ASP B 78 2.02 22.93 24.91
N ALA B 79 2.77 22.31 24.00
CA ALA B 79 2.76 20.82 23.88
C ALA B 79 3.19 20.22 25.18
N GLN B 80 4.23 20.80 25.78
CA GLN B 80 4.71 20.35 27.08
C GLN B 80 3.69 20.57 28.17
N ARG B 81 3.03 21.73 28.18
CA ARG B 81 1.97 21.97 29.22
C ARG B 81 0.78 21.01 29.09
N ILE B 82 0.43 20.69 27.85
CA ILE B 82 -0.68 19.73 27.63
C ILE B 82 -0.37 18.41 28.32
N VAL B 83 0.84 17.90 28.10
CA VAL B 83 1.27 16.68 28.74
C VAL B 83 1.39 16.76 30.27
N ASP B 84 1.93 17.88 30.74
CA ASP B 84 2.09 18.07 32.20
C ASP B 84 0.74 18.14 32.86
N THR B 85 -0.29 18.61 32.14
CA THR B 85 -1.65 18.56 32.65
C THR B 85 -2.14 17.14 32.93
N ALA B 86 -1.85 16.20 32.03
CA ALA B 86 -2.17 14.79 32.31
C ALA B 86 -1.48 14.29 33.58
N ILE B 87 -0.21 14.61 33.70
CA ILE B 87 0.60 14.01 34.78
C ILE B 87 0.17 14.67 36.11
N GLU B 88 0.00 15.98 36.10
CA GLU B 88 -0.36 16.71 37.33
C GLU B 88 -1.77 16.36 37.79
N THR B 89 -2.69 16.17 36.85
CA THR B 89 -4.06 15.93 37.25
C THR B 89 -4.29 14.46 37.60
N TYR B 90 -3.65 13.54 36.86
CA TYR B 90 -3.98 12.13 36.97
C TYR B 90 -2.81 11.21 37.29
N GLY B 91 -1.58 11.70 37.30
CA GLY B 91 -0.43 10.90 37.76
C GLY B 91 0.25 10.01 36.71
N ARG B 92 -0.36 9.91 35.55
CA ARG B 92 0.10 8.99 34.52
C ARG B 92 -0.41 9.42 33.13
N LEU B 93 0.13 8.77 32.09
CA LEU B 93 -0.29 8.93 30.71
C LEU B 93 -0.13 7.61 29.96
N ASP B 94 -1.19 7.21 29.27
CA ASP B 94 -1.24 5.95 28.58
C ASP B 94 -1.57 6.09 27.07
N VAL B 95 -2.37 7.07 26.70
CA VAL B 95 -2.95 7.16 25.34
C VAL B 95 -2.80 8.58 24.87
N LEU B 96 -2.18 8.75 23.71
CA LEU B 96 -2.16 10.03 23.08
C LEU B 96 -2.90 9.96 21.76
N VAL B 97 -3.87 10.88 21.59
CA VAL B 97 -4.51 11.01 20.29
C VAL B 97 -4.16 12.35 19.73
N ASN B 98 -3.39 12.33 18.64
CA ASN B 98 -2.98 13.54 17.92
C ASN B 98 -4.01 13.90 16.85
N ASN B 99 -4.93 14.76 17.21
CA ASN B 99 -6.07 15.06 16.33
C ASN B 99 -6.09 16.52 15.85
N SER B 100 -5.59 17.41 16.67
CA SER B 100 -5.30 18.75 16.24
C SER B 100 -4.91 18.74 14.76
N GLY B 101 -5.60 19.54 13.97
CA GLY B 101 -5.23 19.64 12.58
C GLY B 101 -6.10 20.65 11.89
N VAL B 102 -5.57 21.27 10.85
CA VAL B 102 -6.31 22.29 10.16
C VAL B 102 -6.29 21.86 8.74
N TYR B 103 -7.15 22.41 7.90
CA TYR B 103 -7.05 22.11 6.50
C TYR B 103 -7.46 23.31 5.69
N GLU B 104 -6.90 23.38 4.49
CA GLU B 104 -7.24 24.40 3.54
C GLU B 104 -6.80 23.87 2.19
N PHE B 105 -7.68 23.98 1.20
CA PHE B 105 -7.39 23.50 -0.18
C PHE B 105 -6.95 24.62 -1.07
N ALA B 106 -6.17 24.29 -2.08
CA ALA B 106 -5.70 25.30 -3.04
C ALA B 106 -4.94 24.61 -4.13
N PRO B 107 -5.17 25.01 -5.40
CA PRO B 107 -4.44 24.46 -6.53
C PRO B 107 -2.96 24.89 -6.53
N ILE B 108 -2.11 24.18 -7.27
CA ILE B 108 -0.69 24.49 -7.15
C ILE B 108 -0.42 26.02 -7.36
N GLU B 109 -1.19 26.64 -8.26
CA GLU B 109 -0.91 28.04 -8.70
C GLU B 109 -1.16 28.98 -7.57
N ALA B 110 -2.13 28.63 -6.74
CA ALA B 110 -2.56 29.45 -5.62
C ALA B 110 -1.85 29.24 -4.25
N ILE B 111 -0.97 28.23 -4.14
CA ILE B 111 -0.28 27.96 -2.88
C ILE B 111 0.62 29.11 -2.40
N THR B 112 0.46 29.50 -1.15
CA THR B 112 1.23 30.56 -0.51
C THR B 112 2.08 30.02 0.64
N GLU B 113 3.11 30.78 1.02
CA GLU B 113 3.95 30.37 2.12
C GLU B 113 3.14 30.19 3.39
N GLU B 114 2.18 31.05 3.63
CA GLU B 114 1.36 30.92 4.84
C GLU B 114 0.45 29.67 4.77
N HIS B 115 -0.08 29.38 3.58
CA HIS B 115 -0.95 28.22 3.36
C HIS B 115 -0.15 26.92 3.63
N TYR B 116 1.10 26.88 3.19
CA TYR B 116 2.02 25.75 3.47
C TYR B 116 2.39 25.67 4.96
N ARG B 117 2.84 26.77 5.56
CA ARG B 117 3.43 26.72 6.89
C ARG B 117 2.41 26.43 7.95
N ARG B 118 1.27 27.09 7.90
CA ARG B 118 0.26 26.90 8.92
C ARG B 118 -0.16 25.43 9.02
N GLN B 119 -0.31 24.78 7.89
CA GLN B 119 -0.78 23.40 7.88
C GLN B 119 0.32 22.45 8.33
N PHE B 120 1.52 22.63 7.80
CA PHE B 120 2.62 21.75 8.23
C PHE B 120 2.94 21.94 9.72
N ASP B 121 2.91 23.20 10.19
CA ASP B 121 3.26 23.45 11.57
C ASP B 121 2.26 22.79 12.52
N THR B 122 0.97 22.87 12.23
CA THR B 122 -0.01 22.25 13.11
C THR B 122 -0.07 20.75 12.85
N ASN B 123 -0.14 20.35 11.59
CA ASN B 123 -0.51 18.97 11.29
C ASN B 123 0.66 17.99 11.44
N VAL B 124 1.91 18.49 11.28
CA VAL B 124 3.11 17.67 11.32
C VAL B 124 3.95 18.04 12.56
N PHE B 125 4.41 19.28 12.64
CA PHE B 125 5.29 19.65 13.77
C PHE B 125 4.53 19.52 15.09
N GLY B 126 3.24 19.87 15.13
CA GLY B 126 2.44 19.66 16.33
C GLY B 126 2.32 18.23 16.83
N VAL B 127 2.20 17.31 15.89
CA VAL B 127 2.16 15.90 16.20
C VAL B 127 3.53 15.51 16.77
N LEU B 128 4.59 15.96 16.13
CA LEU B 128 5.94 15.65 16.65
C LEU B 128 6.20 16.22 18.03
N LEU B 129 5.80 17.46 18.25
CA LEU B 129 6.09 18.09 19.57
C LEU B 129 5.28 17.44 20.72
N THR B 130 4.00 17.18 20.45
CA THR B 130 3.17 16.52 21.42
C THR B 130 3.64 15.10 21.73
N THR B 131 4.02 14.34 20.72
CA THR B 131 4.49 12.98 20.92
C THR B 131 5.78 12.99 21.69
N GLN B 132 6.64 13.93 21.31
CA GLN B 132 7.89 14.08 22.00
C GLN B 132 7.69 14.32 23.48
N ALA B 133 6.82 15.25 23.84
CA ALA B 133 6.52 15.52 25.24
C ALA B 133 5.91 14.30 25.93
N ALA B 134 4.97 13.62 25.27
CA ALA B 134 4.33 12.47 25.86
C ALA B 134 5.22 11.28 26.10
N VAL B 135 6.13 11.01 25.18
CA VAL B 135 6.95 9.82 25.25
C VAL B 135 7.74 9.74 26.58
N LYS B 136 8.11 10.90 27.14
CA LYS B 136 8.78 10.96 28.45
C LYS B 136 7.96 10.24 29.53
N HIS B 137 6.65 10.06 29.34
CA HIS B 137 5.80 9.39 30.30
C HIS B 137 5.13 8.09 29.87
N LEU B 138 5.37 7.68 28.64
CA LEU B 138 4.78 6.47 28.10
C LEU B 138 5.64 5.24 28.38
N GLY B 139 4.98 4.13 28.69
CA GLY B 139 5.63 2.88 29.00
C GLY B 139 4.90 1.75 28.31
N GLU B 140 5.20 0.53 28.73
CA GLU B 140 4.65 -0.62 28.02
C GLU B 140 3.14 -0.58 28.02
N GLY B 141 2.57 -0.84 26.85
CA GLY B 141 1.12 -0.83 26.69
C GLY B 141 0.55 0.51 26.27
N ALA B 142 1.38 1.57 26.24
CA ALA B 142 0.90 2.84 25.73
C ALA B 142 0.51 2.76 24.25
N SER B 143 -0.37 3.68 23.84
CA SER B 143 -0.91 3.72 22.50
C SER B 143 -1.01 5.13 22.03
N ILE B 144 -0.39 5.38 20.89
CA ILE B 144 -0.39 6.69 20.28
C ILE B 144 -1.19 6.54 19.01
N ILE B 145 -2.15 7.41 18.83
CA ILE B 145 -3.06 7.38 17.70
C ILE B 145 -2.99 8.70 16.97
N ASN B 146 -2.50 8.65 15.74
CA ASN B 146 -2.48 9.82 14.90
C ASN B 146 -3.68 9.92 13.96
N ILE B 147 -4.37 11.07 13.95
CA ILE B 147 -5.49 11.24 13.05
C ILE B 147 -4.92 11.81 11.74
N SER B 148 -4.95 10.97 10.70
CA SER B 148 -4.45 11.33 9.41
C SER B 148 -5.68 11.65 8.54
N SER B 149 -5.74 11.13 7.34
CA SER B 149 -6.87 11.36 6.45
C SER B 149 -6.85 10.40 5.27
N VAL B 150 -8.03 10.06 4.73
CA VAL B 150 -8.17 9.26 3.54
C VAL B 150 -7.47 9.92 2.35
N VAL B 151 -7.16 11.20 2.43
CA VAL B 151 -6.49 11.86 1.26
C VAL B 151 -5.15 11.23 0.90
N THR B 152 -4.53 10.48 1.84
CA THR B 152 -3.27 9.83 1.52
C THR B 152 -3.45 8.70 0.55
N SER B 153 -4.68 8.17 0.46
CA SER B 153 -5.04 7.14 -0.51
C SER B 153 -5.63 7.74 -1.78
N ILE B 154 -6.55 8.70 -1.63
CA ILE B 154 -7.21 9.25 -2.82
C ILE B 154 -6.60 10.54 -3.41
N THR B 155 -5.76 11.23 -2.64
CA THR B 155 -4.97 12.40 -3.09
C THR B 155 -5.72 13.32 -4.09
N PRO B 156 -6.76 13.99 -3.62
CA PRO B 156 -7.57 14.76 -4.60
C PRO B 156 -6.94 16.07 -5.09
N PRO B 157 -7.33 16.51 -6.30
CA PRO B 157 -6.87 17.79 -6.82
C PRO B 157 -7.11 18.91 -5.83
N ALA B 158 -6.17 19.84 -5.82
CA ALA B 158 -6.20 21.04 -5.03
C ALA B 158 -5.95 20.80 -3.53
N SER B 159 -5.30 19.68 -3.18
CA SER B 159 -5.03 19.40 -1.77
C SER B 159 -3.54 19.08 -1.55
N ALA B 160 -2.67 19.61 -2.40
CA ALA B 160 -1.23 19.32 -2.27
C ALA B 160 -0.64 19.55 -0.88
N VAL B 161 -0.93 20.69 -0.26
CA VAL B 161 -0.43 20.93 1.08
C VAL B 161 -1.09 20.01 2.09
N TYR B 162 -2.41 19.99 2.11
CA TYR B 162 -3.12 19.22 3.13
C TYR B 162 -2.75 17.72 3.03
N SER B 163 -2.83 17.18 1.83
CA SER B 163 -2.48 15.79 1.63
C SER B 163 -1.04 15.58 1.96
N GLY B 164 -0.17 16.54 1.60
CA GLY B 164 1.26 16.51 1.99
C GLY B 164 1.40 16.28 3.47
N THR B 165 0.71 17.08 4.25
CA THR B 165 0.79 16.95 5.74
C THR B 165 0.36 15.56 6.25
N LYS B 166 -0.69 15.03 5.67
CA LYS B 166 -1.21 13.72 6.09
C LYS B 166 -0.31 12.58 5.62
N GLY B 167 0.31 12.75 4.47
CA GLY B 167 1.32 11.83 4.01
C GLY B 167 2.53 11.76 4.91
N ALA B 168 2.97 12.92 5.37
CA ALA B 168 3.93 13.02 6.47
C ALA B 168 3.49 12.32 7.77
N VAL B 169 2.25 12.52 8.19
CA VAL B 169 1.74 11.87 9.39
C VAL B 169 1.76 10.34 9.20
N ASP B 170 1.40 9.87 8.01
CA ASP B 170 1.41 8.41 7.71
C ASP B 170 2.80 7.81 7.88
N ALA B 171 3.80 8.51 7.34
CA ALA B 171 5.19 8.09 7.46
C ALA B 171 5.73 8.13 8.89
N ILE B 172 5.38 9.17 9.64
CA ILE B 172 5.82 9.36 11.01
C ILE B 172 5.25 8.27 11.87
N THR B 173 4.04 7.86 11.56
CA THR B 173 3.39 6.77 12.29
C THR B 173 4.21 5.47 12.11
N GLY B 174 4.61 5.16 10.86
CA GLY B 174 5.44 3.98 10.59
C GLY B 174 6.82 4.03 11.23
N VAL B 175 7.47 5.20 11.17
CA VAL B 175 8.76 5.35 11.84
C VAL B 175 8.61 5.13 13.36
N LEU B 176 7.67 5.78 13.97
CA LEU B 176 7.56 5.72 15.43
C LEU B 176 7.12 4.38 15.93
N ALA B 177 6.31 3.66 15.13
CA ALA B 177 6.03 2.31 15.45
C ALA B 177 7.32 1.51 15.53
N LEU B 178 8.22 1.62 14.54
CA LEU B 178 9.48 0.84 14.62
C LEU B 178 10.36 1.34 15.77
N GLU B 179 10.39 2.66 15.91
CA GLU B 179 11.27 3.31 16.89
C GLU B 179 10.89 3.02 18.33
N LEU B 180 9.59 2.98 18.63
CA LEU B 180 9.11 2.84 20.00
C LEU B 180 8.68 1.42 20.30
N GLY B 181 8.70 0.54 19.27
CA GLY B 181 8.27 -0.86 19.42
C GLY B 181 9.00 -1.61 20.53
N PRO B 182 10.34 -1.47 20.61
CA PRO B 182 11.11 -2.13 21.69
C PRO B 182 10.68 -1.72 23.09
N ARG B 183 10.13 -0.51 23.24
CA ARG B 183 9.51 -0.07 24.50
C ARG B 183 8.04 -0.47 24.66
N LYS B 184 7.50 -1.23 23.71
CA LYS B 184 6.13 -1.73 23.73
C LYS B 184 5.10 -0.61 23.72
N ILE B 185 5.46 0.49 23.04
CA ILE B 185 4.55 1.60 22.77
C ILE B 185 4.05 1.42 21.34
N ARG B 186 2.73 1.36 21.17
CA ARG B 186 2.15 1.22 19.84
C ARG B 186 1.88 2.59 19.24
N VAL B 187 2.00 2.67 17.92
CA VAL B 187 1.74 3.90 17.18
C VAL B 187 0.97 3.52 15.92
N ASN B 188 -0.24 4.05 15.76
CA ASN B 188 -1.04 3.75 14.60
C ASN B 188 -1.74 5.01 14.16
N ALA B 189 -2.28 4.96 12.95
CA ALA B 189 -3.03 6.08 12.33
C ALA B 189 -4.44 5.68 12.00
N ILE B 190 -5.37 6.63 12.13
CA ILE B 190 -6.72 6.49 11.53
C ILE B 190 -6.76 7.49 10.38
N ASN B 191 -7.34 7.07 9.26
CA ASN B 191 -7.39 7.89 8.05
C ASN B 191 -8.88 8.09 7.71
N PRO B 192 -9.53 9.04 8.39
CA PRO B 192 -10.98 9.28 8.18
C PRO B 192 -11.27 9.79 6.77
N GLY B 193 -12.40 9.38 6.22
CA GLY B 193 -13.00 10.07 5.10
C GLY B 193 -13.56 11.40 5.53
N MET B 194 -14.30 12.02 4.61
CA MET B 194 -15.05 13.22 4.95
C MET B 194 -16.04 12.93 6.06
N ILE B 195 -15.99 13.76 7.09
CA ILE B 195 -16.84 13.58 8.28
C ILE B 195 -17.73 14.83 8.36
N VAL B 196 -19.05 14.65 8.47
CA VAL B 196 -19.98 15.79 8.59
C VAL B 196 -20.60 15.80 9.96
N THR B 197 -21.27 16.92 10.23
CA THR B 197 -22.02 17.15 11.45
C THR B 197 -22.80 15.93 11.85
N GLU B 198 -22.69 15.57 13.13
CA GLU B 198 -23.44 14.44 13.68
C GLU B 198 -24.92 14.71 13.42
N GLY B 199 -25.66 13.69 13.00
CA GLY B 199 -27.08 13.82 12.68
C GLY B 199 -27.41 14.12 11.22
N THR B 200 -26.39 14.36 10.39
CA THR B 200 -26.62 14.71 8.96
C THR B 200 -27.28 13.54 8.21
N HIS B 201 -26.82 12.32 8.48
CA HIS B 201 -27.43 11.13 7.88
C HIS B 201 -28.92 10.99 8.21
N SER B 202 -29.27 11.07 9.50
CA SER B 202 -30.65 10.83 9.94
C SER B 202 -31.61 11.93 9.46
N ALA B 203 -31.04 13.11 9.25
CA ALA B 203 -31.78 14.30 8.81
C ALA B 203 -32.10 14.18 7.34
N GLY B 204 -31.18 13.59 6.57
CA GLY B 204 -31.27 13.56 5.11
C GLY B 204 -30.65 14.82 4.53
N SER B 208 -24.58 19.78 -0.12
CA SER B 208 -23.62 20.53 -0.91
C SER B 208 -23.06 19.63 -2.01
N ASP B 209 -22.60 20.22 -3.11
CA ASP B 209 -22.25 19.40 -4.28
C ASP B 209 -21.06 18.47 -4.00
N LEU B 210 -20.06 18.95 -3.27
CA LEU B 210 -18.92 18.11 -2.90
C LEU B 210 -19.39 16.95 -2.01
N GLU B 211 -20.22 17.25 -1.00
CA GLU B 211 -20.83 16.21 -0.16
C GLU B 211 -21.53 15.11 -0.98
N ALA B 212 -22.31 15.56 -1.96
CA ALA B 212 -23.02 14.65 -2.84
C ALA B 212 -22.06 13.79 -3.65
N GLN B 213 -21.02 14.43 -4.18
CA GLN B 213 -20.00 13.74 -4.95
C GLN B 213 -19.36 12.63 -4.08
N VAL B 214 -18.94 13.00 -2.90
CA VAL B 214 -18.20 12.06 -2.03
C VAL B 214 -19.16 10.94 -1.58
N LEU B 215 -20.41 11.29 -1.31
CA LEU B 215 -21.45 10.30 -0.99
C LEU B 215 -21.64 9.25 -2.08
N GLY B 216 -21.77 9.72 -3.33
CA GLY B 216 -21.81 8.83 -4.50
C GLY B 216 -20.65 7.88 -4.65
N GLN B 217 -19.46 8.30 -4.17
CA GLN B 217 -18.27 7.46 -4.21
C GLN B 217 -18.04 6.59 -2.96
N THR B 218 -18.94 6.69 -1.98
CA THR B 218 -18.85 5.96 -0.71
C THR B 218 -19.70 4.68 -0.74
N PRO B 219 -19.03 3.51 -0.67
CA PRO B 219 -19.74 2.28 -0.85
C PRO B 219 -20.84 2.08 0.20
N LEU B 220 -20.61 2.49 1.44
CA LEU B 220 -21.61 2.27 2.47
C LEU B 220 -22.78 3.31 2.47
N GLY B 221 -22.84 4.21 1.48
CA GLY B 221 -24.11 4.95 1.22
C GLY B 221 -24.50 6.09 2.15
N ARG B 222 -23.54 6.66 2.89
CA ARG B 222 -23.79 7.87 3.66
C ARG B 222 -22.46 8.60 3.86
N LEU B 223 -22.46 9.73 4.53
CA LEU B 223 -21.16 10.31 4.89
C LEU B 223 -20.81 9.94 6.34
N GLY B 224 -19.55 10.09 6.69
CA GLY B 224 -19.08 9.60 8.00
C GLY B 224 -19.45 10.65 9.03
N GLU B 225 -19.67 10.24 10.28
CA GLU B 225 -19.87 11.19 11.36
C GLU B 225 -18.81 10.92 12.45
N PRO B 226 -18.59 11.88 13.37
CA PRO B 226 -17.47 11.79 14.33
C PRO B 226 -17.39 10.47 15.12
N ASN B 227 -18.52 9.88 15.46
CA ASN B 227 -18.52 8.64 16.23
C ASN B 227 -18.03 7.44 15.41
N ASP B 228 -18.13 7.55 14.10
CA ASP B 228 -17.52 6.56 13.21
C ASP B 228 -15.99 6.47 13.41
N ILE B 229 -15.37 7.60 13.72
CA ILE B 229 -13.96 7.66 13.95
C ILE B 229 -13.70 7.32 15.41
N ALA B 230 -14.51 7.86 16.32
CA ALA B 230 -14.29 7.63 17.71
C ALA B 230 -14.19 6.18 18.14
N SER B 231 -15.05 5.33 17.60
CA SER B 231 -15.08 3.96 18.01
C SER B 231 -13.83 3.18 17.52
N VAL B 232 -13.24 3.62 16.42
CA VAL B 232 -11.99 3.02 15.94
C VAL B 232 -10.82 3.48 16.83
N ALA B 233 -10.88 4.73 17.26
CA ALA B 233 -9.87 5.29 18.19
C ALA B 233 -9.86 4.52 19.51
N VAL B 234 -11.04 4.15 20.00
CA VAL B 234 -11.11 3.39 21.23
C VAL B 234 -10.50 2.01 21.05
N PHE B 235 -10.85 1.35 19.94
CA PHE B 235 -10.22 0.08 19.62
C PHE B 235 -8.68 0.19 19.66
N LEU B 236 -8.15 1.10 18.88
CA LEU B 236 -6.69 1.29 18.86
C LEU B 236 -6.06 1.66 20.18
N ALA B 237 -6.77 2.41 21.01
CA ALA B 237 -6.28 2.77 22.35
C ALA B 237 -6.22 1.58 23.28
N SER B 238 -7.05 0.57 23.02
CA SER B 238 -7.27 -0.54 23.95
C SER B 238 -6.31 -1.71 23.71
N ASP B 239 -6.30 -2.64 24.66
CA ASP B 239 -5.55 -3.88 24.54
C ASP B 239 -6.06 -4.79 23.39
N ASP B 240 -7.25 -4.51 22.86
CA ASP B 240 -7.76 -5.29 21.72
C ASP B 240 -6.86 -5.14 20.51
N ALA B 241 -6.13 -4.02 20.47
CA ALA B 241 -5.25 -3.72 19.34
C ALA B 241 -3.80 -3.95 19.72
N ARG B 242 -3.55 -4.75 20.77
CA ARG B 242 -2.17 -4.93 21.26
C ARG B 242 -1.20 -5.47 20.23
N TRP B 243 -1.68 -6.15 19.19
CA TRP B 243 -0.78 -6.73 18.17
C TRP B 243 -0.76 -5.97 16.85
N MET B 244 -1.26 -4.73 16.89
CA MET B 244 -1.21 -3.78 15.79
C MET B 244 -0.37 -2.54 16.11
N THR B 245 0.65 -2.30 15.28
CA THR B 245 1.42 -1.11 15.35
C THR B 245 1.95 -0.82 13.97
N GLY B 246 2.02 0.48 13.66
CA GLY B 246 2.35 1.01 12.35
C GLY B 246 1.26 0.95 11.28
N GLU B 247 0.04 0.66 11.66
CA GLU B 247 -1.03 0.57 10.71
C GLU B 247 -1.74 1.92 10.47
N HIS B 248 -2.47 2.00 9.38
CA HIS B 248 -3.16 3.20 8.92
C HIS B 248 -4.55 2.72 8.59
N LEU B 249 -5.55 2.96 9.44
CA LEU B 249 -6.86 2.34 9.23
C LEU B 249 -7.73 3.36 8.49
N VAL B 250 -8.11 3.06 7.27
CA VAL B 250 -9.04 3.94 6.52
C VAL B 250 -10.46 3.75 6.98
N VAL B 251 -11.08 4.83 7.46
CA VAL B 251 -12.36 4.80 8.08
C VAL B 251 -13.17 5.85 7.28
N SER B 252 -13.60 5.42 6.10
CA SER B 252 -14.25 6.29 5.10
C SER B 252 -15.54 5.66 4.51
N GLY B 253 -16.04 4.60 5.12
CA GLY B 253 -17.18 3.89 4.57
C GLY B 253 -16.83 3.19 3.24
N GLY B 254 -15.54 2.84 3.09
CA GLY B 254 -15.08 2.08 1.97
C GLY B 254 -14.51 2.84 0.79
N LEU B 255 -14.37 4.15 0.90
CA LEU B 255 -13.74 4.98 -0.16
C LEU B 255 -12.22 4.94 -0.03
N ASN B 256 -11.53 4.49 -1.06
CA ASN B 256 -10.07 4.53 -1.04
C ASN B 256 -9.53 4.64 -2.47
N SER C 10 21.20 -0.90 -28.89
CA SER C 10 19.86 -1.45 -28.58
C SER C 10 19.93 -2.06 -27.20
N LYS C 11 18.90 -1.80 -26.41
CA LYS C 11 18.89 -2.20 -25.01
C LYS C 11 18.96 -3.71 -24.76
N LEU C 12 18.48 -4.54 -25.68
CA LEU C 12 18.40 -5.98 -25.49
C LEU C 12 19.17 -6.79 -26.56
N ALA C 13 20.26 -6.22 -27.05
CA ALA C 13 21.02 -6.86 -28.11
C ALA C 13 21.53 -8.20 -27.59
N GLY C 14 21.38 -9.23 -28.40
CA GLY C 14 21.80 -10.57 -28.05
C GLY C 14 20.88 -11.30 -27.09
N LYS C 15 19.83 -10.63 -26.58
CA LYS C 15 19.01 -11.23 -25.54
C LYS C 15 17.87 -11.96 -26.19
N VAL C 16 17.25 -12.85 -25.43
CA VAL C 16 16.16 -13.67 -25.91
C VAL C 16 15.01 -13.55 -24.94
N ALA C 17 13.79 -13.32 -25.46
CA ALA C 17 12.58 -13.13 -24.66
C ALA C 17 11.53 -14.12 -25.09
N ILE C 18 10.70 -14.54 -24.15
CA ILE C 18 9.48 -15.26 -24.39
C ILE C 18 8.35 -14.28 -24.01
N VAL C 19 7.32 -14.16 -24.81
CA VAL C 19 6.04 -13.45 -24.45
C VAL C 19 4.88 -14.41 -24.58
N THR C 20 4.23 -14.74 -23.47
CA THR C 20 3.08 -15.65 -23.52
C THR C 20 1.84 -14.81 -23.90
N GLY C 21 0.84 -15.45 -24.49
CA GLY C 21 -0.40 -14.74 -24.85
C GLY C 21 -0.20 -13.67 -25.85
N ALA C 22 0.64 -13.95 -26.85
CA ALA C 22 1.16 -12.85 -27.65
C ALA C 22 0.65 -12.78 -29.10
N SER C 23 -0.47 -13.42 -29.42
CA SER C 23 -1.00 -13.37 -30.79
C SER C 23 -1.63 -12.03 -31.14
N LYS C 24 -2.07 -11.31 -30.13
CA LYS C 24 -2.86 -10.09 -30.26
C LYS C 24 -2.58 -9.10 -29.11
N GLY C 25 -3.04 -7.87 -29.30
CA GLY C 25 -3.22 -6.90 -28.21
C GLY C 25 -1.91 -6.58 -27.49
N ILE C 26 -1.98 -6.55 -26.16
CA ILE C 26 -0.82 -6.22 -25.31
C ILE C 26 0.40 -7.14 -25.59
N GLY C 27 0.19 -8.45 -25.60
CA GLY C 27 1.25 -9.42 -25.81
C GLY C 27 1.96 -9.20 -27.13
N ALA C 28 1.15 -9.02 -28.17
CA ALA C 28 1.71 -8.73 -29.51
C ALA C 28 2.57 -7.49 -29.50
N ALA C 29 2.09 -6.42 -28.90
CA ALA C 29 2.84 -5.17 -28.84
C ALA C 29 4.17 -5.27 -28.04
N ILE C 30 4.14 -6.03 -26.94
CA ILE C 30 5.35 -6.26 -26.16
C ILE C 30 6.35 -7.06 -26.99
N ALA C 31 5.89 -8.07 -27.73
CA ALA C 31 6.83 -8.88 -28.51
C ALA C 31 7.54 -7.97 -29.51
N LYS C 32 6.79 -7.16 -30.24
CA LYS C 32 7.39 -6.24 -31.20
C LYS C 32 8.32 -5.18 -30.59
N ALA C 33 7.92 -4.58 -29.47
CA ALA C 33 8.79 -3.59 -28.86
C ALA C 33 10.09 -4.20 -28.33
N LEU C 34 10.02 -5.44 -27.85
CA LEU C 34 11.26 -6.08 -27.37
C LEU C 34 12.18 -6.33 -28.57
N ALA C 35 11.61 -6.79 -29.65
CA ALA C 35 12.39 -7.04 -30.87
C ALA C 35 13.03 -5.77 -31.38
N ASP C 36 12.29 -4.66 -31.34
CA ASP C 36 12.80 -3.38 -31.72
C ASP C 36 14.03 -2.99 -30.92
N GLU C 37 14.16 -3.47 -29.68
CA GLU C 37 15.38 -3.22 -28.92
C GLU C 37 16.41 -4.35 -29.06
N GLY C 38 16.12 -5.28 -29.95
CA GLY C 38 17.12 -6.27 -30.37
C GLY C 38 16.98 -7.66 -29.80
N ALA C 39 15.95 -7.91 -28.98
CA ALA C 39 15.70 -9.27 -28.54
C ALA C 39 15.10 -10.15 -29.63
N ALA C 40 15.53 -11.40 -29.64
CA ALA C 40 14.88 -12.46 -30.34
C ALA C 40 13.71 -12.86 -29.46
N VAL C 41 12.58 -13.13 -30.09
CA VAL C 41 11.35 -13.31 -29.31
C VAL C 41 10.63 -14.54 -29.69
N VAL C 42 10.37 -15.37 -28.66
CA VAL C 42 9.47 -16.50 -28.77
C VAL C 42 8.03 -16.02 -28.51
N VAL C 43 7.20 -16.13 -29.54
CA VAL C 43 5.87 -15.58 -29.54
C VAL C 43 4.92 -16.77 -29.27
N ASN C 44 4.49 -16.90 -28.02
CA ASN C 44 3.56 -17.95 -27.66
C ASN C 44 2.13 -17.46 -27.85
N TYR C 45 1.28 -18.34 -28.38
CA TYR C 45 -0.12 -18.06 -28.61
C TYR C 45 -0.97 -19.21 -28.03
N ALA C 46 -2.10 -18.87 -27.44
CA ALA C 46 -3.08 -19.89 -27.04
C ALA C 46 -4.13 -20.04 -28.11
N SER C 47 -4.63 -18.91 -28.60
CA SER C 47 -5.73 -18.93 -29.56
C SER C 47 -5.21 -18.89 -31.00
N SER C 48 -5.07 -17.68 -31.54
CA SER C 48 -5.04 -17.44 -32.98
C SER C 48 -3.65 -17.57 -33.58
N LYS C 49 -3.38 -18.68 -34.25
CA LYS C 49 -2.07 -18.89 -34.83
C LYS C 49 -1.70 -17.79 -35.82
N ALA C 50 -2.67 -17.34 -36.62
CA ALA C 50 -2.37 -16.36 -37.68
C ALA C 50 -1.87 -15.03 -37.12
N GLY C 51 -2.37 -14.66 -35.95
CA GLY C 51 -1.94 -13.40 -35.31
C GLY C 51 -0.49 -13.46 -34.88
N ALA C 52 -0.13 -14.58 -34.26
CA ALA C 52 1.23 -14.85 -33.85
C ALA C 52 2.20 -14.86 -35.02
N ASP C 53 1.84 -15.52 -36.12
CA ASP C 53 2.66 -15.56 -37.35
C ASP C 53 2.86 -14.19 -37.92
N ALA C 54 1.83 -13.33 -37.78
CA ALA C 54 1.97 -11.94 -38.25
C ALA C 54 2.92 -11.14 -37.37
N VAL C 55 2.91 -11.41 -36.06
CA VAL C 55 3.91 -10.81 -35.13
C VAL C 55 5.35 -11.26 -35.53
N VAL C 56 5.56 -12.55 -35.68
CA VAL C 56 6.84 -13.08 -36.12
C VAL C 56 7.28 -12.41 -37.46
N SER C 57 6.38 -12.41 -38.44
CA SER C 57 6.68 -11.84 -39.76
C SER C 57 7.12 -10.36 -39.62
N ALA C 58 6.38 -9.58 -38.83
CA ALA C 58 6.72 -8.18 -38.60
C ALA C 58 8.12 -8.03 -37.97
N ILE C 59 8.41 -8.87 -36.99
CA ILE C 59 9.72 -8.79 -36.32
C ILE C 59 10.82 -9.12 -37.38
N THR C 60 10.63 -10.23 -38.08
CA THR C 60 11.69 -10.69 -38.99
C THR C 60 11.84 -9.76 -40.20
N GLU C 61 10.74 -9.20 -40.70
CA GLU C 61 10.83 -8.24 -41.79
C GLU C 61 11.66 -7.03 -41.43
N ALA C 62 11.56 -6.58 -40.17
CA ALA C 62 12.36 -5.44 -39.74
C ALA C 62 13.75 -5.82 -39.26
N GLY C 63 14.23 -7.00 -39.58
CA GLY C 63 15.63 -7.36 -39.27
C GLY C 63 15.84 -8.13 -37.97
N GLY C 64 14.75 -8.42 -37.26
CA GLY C 64 14.78 -9.20 -36.00
C GLY C 64 14.66 -10.70 -36.18
N ARG C 65 14.64 -11.39 -35.05
CA ARG C 65 14.49 -12.82 -35.02
C ARG C 65 13.27 -13.15 -34.14
N ALA C 66 12.43 -14.07 -34.60
CA ALA C 66 11.29 -14.47 -33.77
C ALA C 66 10.79 -15.81 -34.20
N VAL C 67 10.06 -16.49 -33.33
CA VAL C 67 9.48 -17.79 -33.67
C VAL C 67 8.17 -17.96 -32.91
N ALA C 68 7.12 -18.39 -33.58
CA ALA C 68 5.79 -18.67 -32.94
C ALA C 68 5.73 -20.06 -32.36
N VAL C 69 5.07 -20.23 -31.21
CA VAL C 69 4.94 -21.52 -30.61
C VAL C 69 3.58 -21.58 -29.91
N GLY C 70 2.85 -22.64 -30.25
CA GLY C 70 1.50 -22.86 -29.74
C GLY C 70 1.55 -23.55 -28.41
N GLY C 71 0.65 -23.22 -27.51
CA GLY C 71 0.62 -23.91 -26.26
C GLY C 71 -0.19 -23.20 -25.21
N ASP C 72 -0.65 -23.99 -24.26
CA ASP C 72 -1.52 -23.56 -23.19
C ASP C 72 -0.68 -23.58 -21.91
N VAL C 73 -0.35 -22.39 -21.40
CA VAL C 73 0.52 -22.26 -20.20
C VAL C 73 0.01 -22.94 -18.92
N SER C 74 -1.30 -23.17 -18.80
CA SER C 74 -1.81 -23.92 -17.67
C SER C 74 -1.44 -25.40 -17.71
N LYS C 75 -0.93 -25.89 -18.84
CA LYS C 75 -0.47 -27.29 -18.92
C LYS C 75 1.05 -27.37 -18.78
N ALA C 76 1.53 -28.12 -17.80
CA ALA C 76 2.97 -28.21 -17.56
C ALA C 76 3.84 -28.55 -18.80
N ALA C 77 3.33 -29.45 -19.63
CA ALA C 77 4.10 -29.89 -20.79
C ALA C 77 4.25 -28.73 -21.77
N ASP C 78 3.16 -27.99 -22.02
CA ASP C 78 3.20 -26.83 -22.92
C ASP C 78 4.11 -25.71 -22.38
N ALA C 79 4.03 -25.42 -21.08
CA ALA C 79 4.89 -24.39 -20.50
C ALA C 79 6.35 -24.74 -20.75
N GLN C 80 6.71 -25.99 -20.46
CA GLN C 80 8.05 -26.51 -20.73
C GLN C 80 8.44 -26.41 -22.20
N ARG C 81 7.54 -26.75 -23.09
CA ARG C 81 7.85 -26.71 -24.53
C ARG C 81 8.14 -25.28 -25.01
N ILE C 82 7.40 -24.31 -24.46
CA ILE C 82 7.59 -22.89 -24.76
C ILE C 82 8.98 -22.49 -24.34
N VAL C 83 9.42 -22.90 -23.15
CA VAL C 83 10.78 -22.56 -22.71
C VAL C 83 11.89 -23.25 -23.55
N ASP C 84 11.73 -24.55 -23.77
CA ASP C 84 12.59 -25.30 -24.69
C ASP C 84 12.74 -24.61 -26.04
N THR C 85 11.67 -24.04 -26.58
CA THR C 85 11.75 -23.39 -27.90
C THR C 85 12.76 -22.30 -27.94
N ALA C 86 12.78 -21.53 -26.86
CA ALA C 86 13.71 -20.44 -26.73
C ALA C 86 15.14 -20.96 -26.79
N ILE C 87 15.42 -21.98 -25.98
CA ILE C 87 16.77 -22.56 -25.84
C ILE C 87 17.20 -23.31 -27.12
N GLU C 88 16.35 -24.21 -27.60
CA GLU C 88 16.61 -24.96 -28.86
C GLU C 88 16.76 -24.02 -30.07
N THR C 89 16.02 -22.91 -30.11
CA THR C 89 16.11 -21.99 -31.24
C THR C 89 17.24 -20.99 -31.10
N TYR C 90 17.41 -20.41 -29.92
CA TYR C 90 18.37 -19.30 -29.76
C TYR C 90 19.50 -19.60 -28.80
N GLY C 91 19.42 -20.71 -28.07
CA GLY C 91 20.53 -21.08 -27.21
C GLY C 91 20.57 -20.44 -25.84
N ARG C 92 19.67 -19.50 -25.56
CA ARG C 92 19.69 -18.77 -24.25
C ARG C 92 18.31 -18.16 -23.98
N LEU C 93 18.10 -17.78 -22.72
CA LEU C 93 16.86 -17.03 -22.31
C LEU C 93 17.21 -15.97 -21.28
N ASP C 94 16.71 -14.77 -21.52
CA ASP C 94 16.98 -13.63 -20.68
C ASP C 94 15.73 -12.96 -20.06
N VAL C 95 14.64 -12.94 -20.81
CA VAL C 95 13.42 -12.22 -20.45
C VAL C 95 12.16 -13.11 -20.64
N LEU C 96 11.32 -13.19 -19.59
CA LEU C 96 10.04 -13.82 -19.64
C LEU C 96 8.96 -12.78 -19.31
N VAL C 97 7.96 -12.69 -20.21
CA VAL C 97 6.81 -11.84 -20.03
C VAL C 97 5.64 -12.80 -19.92
N ASN C 98 5.09 -12.90 -18.70
CA ASN C 98 3.88 -13.69 -18.45
C ASN C 98 2.65 -12.86 -18.71
N ASN C 99 2.03 -13.06 -19.87
CA ASN C 99 0.97 -12.18 -20.33
C ASN C 99 -0.24 -12.97 -20.62
N SER C 100 -0.07 -14.26 -20.87
CA SER C 100 -1.18 -15.19 -20.94
C SER C 100 -2.13 -14.82 -19.78
N GLY C 101 -3.29 -14.33 -20.13
CA GLY C 101 -4.29 -14.10 -19.13
C GLY C 101 -5.63 -14.18 -19.77
N VAL C 102 -6.63 -14.56 -18.98
CA VAL C 102 -7.99 -14.53 -19.45
C VAL C 102 -8.78 -13.79 -18.39
N TYR C 103 -9.97 -13.30 -18.72
CA TYR C 103 -10.83 -12.60 -17.78
C TYR C 103 -12.31 -12.96 -18.01
N GLU C 104 -13.07 -13.00 -16.91
CA GLU C 104 -14.51 -13.17 -16.97
C GLU C 104 -15.00 -12.57 -15.64
N PHE C 105 -16.04 -11.74 -15.72
CA PHE C 105 -16.65 -11.12 -14.55
C PHE C 105 -17.89 -11.86 -14.11
N ALA C 106 -18.18 -11.86 -12.82
CA ALA C 106 -19.41 -12.44 -12.32
C ALA C 106 -19.58 -11.94 -10.88
N PRO C 107 -20.78 -11.46 -10.51
CA PRO C 107 -21.07 -11.19 -9.10
C PRO C 107 -21.00 -12.48 -8.27
N ILE C 108 -20.82 -12.33 -6.96
CA ILE C 108 -20.66 -13.42 -5.99
C ILE C 108 -21.75 -14.51 -6.16
N GLU C 109 -22.99 -14.10 -6.45
CA GLU C 109 -24.09 -15.06 -6.58
C GLU C 109 -23.94 -15.95 -7.80
N ALA C 110 -23.23 -15.48 -8.83
CA ALA C 110 -23.10 -16.22 -10.09
C ALA C 110 -21.80 -17.02 -10.25
N ILE C 111 -20.88 -16.91 -9.31
CA ILE C 111 -19.57 -17.55 -9.49
C ILE C 111 -19.72 -19.06 -9.49
N THR C 112 -19.20 -19.71 -10.53
CA THR C 112 -19.20 -21.18 -10.62
C THR C 112 -17.78 -21.72 -10.36
N GLU C 113 -17.65 -23.03 -10.15
CA GLU C 113 -16.36 -23.67 -10.04
C GLU C 113 -15.52 -23.51 -11.32
N GLU C 114 -16.13 -23.71 -12.46
CA GLU C 114 -15.39 -23.57 -13.70
C GLU C 114 -14.86 -22.12 -13.94
N HIS C 115 -15.65 -21.12 -13.57
CA HIS C 115 -15.25 -19.68 -13.61
C HIS C 115 -14.01 -19.44 -12.79
N TYR C 116 -14.03 -19.96 -11.57
CA TYR C 116 -12.85 -19.96 -10.68
C TYR C 116 -11.63 -20.71 -11.28
N ARG C 117 -11.85 -21.94 -11.74
CA ARG C 117 -10.73 -22.80 -12.13
C ARG C 117 -10.07 -22.32 -13.37
N ARG C 118 -10.86 -21.92 -14.34
CA ARG C 118 -10.29 -21.53 -15.63
C ARG C 118 -9.40 -20.33 -15.44
N GLN C 119 -9.83 -19.38 -14.62
CA GLN C 119 -9.07 -18.17 -14.48
C GLN C 119 -7.83 -18.38 -13.62
N PHE C 120 -7.96 -19.07 -12.48
CA PHE C 120 -6.81 -19.35 -11.68
C PHE C 120 -5.79 -20.23 -12.41
N ASP C 121 -6.26 -21.25 -13.14
CA ASP C 121 -5.34 -22.16 -13.83
C ASP C 121 -4.46 -21.38 -14.82
N THR C 122 -5.03 -20.47 -15.60
CA THR C 122 -4.23 -19.74 -16.57
C THR C 122 -3.54 -18.54 -15.98
N ASN C 123 -4.25 -17.73 -15.18
CA ASN C 123 -3.71 -16.47 -14.70
C ASN C 123 -2.71 -16.68 -13.55
N VAL C 124 -2.82 -17.79 -12.82
CA VAL C 124 -1.93 -18.07 -11.74
C VAL C 124 -1.06 -19.29 -11.96
N PHE C 125 -1.66 -20.46 -12.13
CA PHE C 125 -0.83 -21.65 -12.30
C PHE C 125 0.03 -21.51 -13.57
N GLY C 126 -0.50 -20.91 -14.63
CA GLY C 126 0.26 -20.72 -15.87
C GLY C 126 1.50 -19.85 -15.71
N VAL C 127 1.38 -18.81 -14.89
CA VAL C 127 2.49 -17.95 -14.51
C VAL C 127 3.50 -18.79 -13.75
N LEU C 128 3.04 -19.59 -12.80
CA LEU C 128 3.97 -20.38 -12.01
C LEU C 128 4.69 -21.47 -12.88
N LEU C 129 3.97 -22.17 -13.72
CA LEU C 129 4.55 -23.20 -14.56
C LEU C 129 5.55 -22.62 -15.56
N THR C 130 5.18 -21.53 -16.19
CA THR C 130 6.10 -20.95 -17.17
C THR C 130 7.36 -20.40 -16.51
N THR C 131 7.18 -19.74 -15.38
CA THR C 131 8.29 -19.23 -14.60
C THR C 131 9.19 -20.35 -14.06
N GLN C 132 8.60 -21.44 -13.55
CA GLN C 132 9.36 -22.58 -13.09
C GLN C 132 10.24 -23.16 -14.21
N ALA C 133 9.67 -23.32 -15.38
CA ALA C 133 10.38 -23.81 -16.54
C ALA C 133 11.52 -22.86 -16.94
N ALA C 134 11.22 -21.56 -16.97
CA ALA C 134 12.19 -20.55 -17.38
C ALA C 134 13.39 -20.46 -16.43
N VAL C 135 13.15 -20.63 -15.16
CA VAL C 135 14.15 -20.33 -14.11
C VAL C 135 15.40 -21.21 -14.23
N LYS C 136 15.22 -22.44 -14.72
CA LYS C 136 16.35 -23.28 -15.09
C LYS C 136 17.36 -22.54 -15.97
N HIS C 137 16.89 -21.71 -16.90
CA HIS C 137 17.78 -21.05 -17.85
C HIS C 137 18.14 -19.62 -17.57
N LEU C 138 17.69 -19.10 -16.45
CA LEU C 138 17.84 -17.69 -16.20
C LEU C 138 19.01 -17.49 -15.27
N GLY C 139 19.81 -16.49 -15.58
CA GLY C 139 20.87 -16.11 -14.67
C GLY C 139 20.91 -14.63 -14.39
N GLU C 140 22.07 -14.21 -13.91
CA GLU C 140 22.28 -12.87 -13.49
C GLU C 140 21.92 -11.87 -14.61
N GLY C 141 21.10 -10.85 -14.32
CA GLY C 141 20.62 -9.92 -15.38
C GLY C 141 19.28 -10.22 -16.03
N ALA C 142 18.73 -11.40 -15.76
CA ALA C 142 17.47 -11.78 -16.35
C ALA C 142 16.33 -10.97 -15.74
N SER C 143 15.22 -10.93 -16.44
CA SER C 143 14.09 -10.11 -16.01
C SER C 143 12.79 -10.83 -16.35
N ILE C 144 11.97 -11.04 -15.32
CA ILE C 144 10.67 -11.66 -15.45
C ILE C 144 9.62 -10.52 -15.21
N ILE C 145 8.68 -10.41 -16.12
CA ILE C 145 7.66 -9.34 -16.10
C ILE C 145 6.31 -10.00 -16.07
N ASN C 146 5.56 -9.83 -15.00
CA ASN C 146 4.24 -10.46 -14.91
C ASN C 146 3.20 -9.40 -15.26
N ILE C 147 2.32 -9.70 -16.20
CA ILE C 147 1.25 -8.77 -16.54
C ILE C 147 0.07 -9.03 -15.60
N SER C 148 -0.12 -8.11 -14.67
CA SER C 148 -1.17 -8.19 -13.70
C SER C 148 -2.33 -7.28 -14.16
N SER C 149 -2.86 -6.39 -13.32
CA SER C 149 -3.93 -5.46 -13.71
C SER C 149 -4.14 -4.44 -12.64
N VAL C 150 -4.63 -3.28 -13.06
CA VAL C 150 -4.97 -2.22 -12.14
C VAL C 150 -6.11 -2.65 -11.16
N VAL C 151 -6.83 -3.73 -11.46
CA VAL C 151 -7.89 -4.18 -10.58
C VAL C 151 -7.37 -4.50 -9.19
N THR C 152 -6.07 -4.80 -9.03
CA THR C 152 -5.58 -5.03 -7.69
C THR C 152 -5.57 -3.77 -6.82
N SER C 153 -5.68 -2.62 -7.44
CA SER C 153 -5.80 -1.36 -6.77
C SER C 153 -7.28 -0.95 -6.70
N ILE C 154 -8.04 -1.07 -7.80
CA ILE C 154 -9.41 -0.56 -7.78
C ILE C 154 -10.51 -1.59 -7.47
N THR C 155 -10.16 -2.88 -7.51
CA THR C 155 -11.01 -4.02 -7.14
C THR C 155 -12.50 -3.81 -7.45
N PRO C 156 -12.86 -3.71 -8.73
CA PRO C 156 -14.28 -3.40 -9.06
C PRO C 156 -15.31 -4.49 -8.68
N PRO C 157 -16.53 -4.08 -8.41
CA PRO C 157 -17.61 -5.07 -8.28
C PRO C 157 -17.65 -6.10 -9.38
N ALA C 158 -18.07 -7.29 -9.04
CA ALA C 158 -18.29 -8.36 -10.04
C ALA C 158 -16.99 -8.93 -10.66
N SER C 159 -15.86 -8.68 -9.98
CA SER C 159 -14.58 -9.13 -10.43
C SER C 159 -13.81 -9.98 -9.42
N ALA C 160 -14.50 -10.66 -8.49
CA ALA C 160 -13.82 -11.32 -7.38
C ALA C 160 -12.78 -12.33 -7.89
N VAL C 161 -13.16 -13.15 -8.87
CA VAL C 161 -12.23 -14.17 -9.34
C VAL C 161 -11.09 -13.54 -10.17
N TYR C 162 -11.41 -12.59 -11.04
CA TYR C 162 -10.40 -12.03 -11.89
C TYR C 162 -9.43 -11.25 -11.05
N SER C 163 -9.97 -10.38 -10.21
CA SER C 163 -9.14 -9.57 -9.34
C SER C 163 -8.35 -10.49 -8.38
N GLY C 164 -9.02 -11.52 -7.86
CA GLY C 164 -8.36 -12.61 -7.14
C GLY C 164 -7.11 -13.15 -7.84
N THR C 165 -7.24 -13.44 -9.13
CA THR C 165 -6.07 -13.93 -9.85
C THR C 165 -4.94 -12.91 -9.91
N LYS C 166 -5.31 -11.65 -10.12
CA LYS C 166 -4.31 -10.62 -10.23
C LYS C 166 -3.64 -10.25 -8.91
N GLY C 167 -4.40 -10.35 -7.79
CA GLY C 167 -3.87 -10.23 -6.46
C GLY C 167 -2.85 -11.30 -6.14
N ALA C 168 -3.12 -12.49 -6.63
CA ALA C 168 -2.18 -13.63 -6.55
C ALA C 168 -0.93 -13.33 -7.39
N VAL C 169 -1.08 -12.88 -8.61
CA VAL C 169 0.10 -12.47 -9.41
C VAL C 169 0.96 -11.37 -8.70
N ASP C 170 0.31 -10.37 -8.11
CA ASP C 170 1.05 -9.34 -7.41
C ASP C 170 1.92 -9.92 -6.28
N ALA C 171 1.32 -10.82 -5.51
CA ALA C 171 1.99 -11.46 -4.35
C ALA C 171 3.15 -12.39 -4.83
N ILE C 172 2.92 -13.13 -5.90
CA ILE C 172 3.94 -13.99 -6.49
C ILE C 172 5.12 -13.19 -6.98
N THR C 173 4.84 -12.03 -7.59
CA THR C 173 5.86 -11.13 -8.01
C THR C 173 6.77 -10.74 -6.86
N GLY C 174 6.20 -10.37 -5.72
CA GLY C 174 7.02 -9.94 -4.64
C GLY C 174 7.81 -11.13 -4.03
N VAL C 175 7.17 -12.30 -3.95
CA VAL C 175 7.84 -13.53 -3.42
C VAL C 175 9.07 -13.86 -4.25
N LEU C 176 8.88 -13.92 -5.57
CA LEU C 176 9.97 -14.33 -6.47
C LEU C 176 11.04 -13.29 -6.55
N ALA C 177 10.67 -12.01 -6.38
CA ALA C 177 11.70 -11.01 -6.29
C ALA C 177 12.66 -11.30 -5.17
N LEU C 178 12.13 -11.60 -3.98
CA LEU C 178 12.98 -11.97 -2.85
C LEU C 178 13.69 -13.31 -3.07
N GLU C 179 12.95 -14.30 -3.48
CA GLU C 179 13.52 -15.65 -3.68
C GLU C 179 14.62 -15.69 -4.71
N LEU C 180 14.46 -15.00 -5.83
CA LEU C 180 15.41 -15.05 -6.91
C LEU C 180 16.44 -13.89 -6.84
N GLY C 181 16.30 -12.99 -5.88
CA GLY C 181 17.20 -11.86 -5.74
C GLY C 181 18.69 -12.25 -5.68
N PRO C 182 19.07 -13.18 -4.79
CA PRO C 182 20.46 -13.64 -4.71
C PRO C 182 21.02 -14.14 -6.07
N ARG C 183 20.19 -14.69 -6.95
CA ARG C 183 20.59 -15.04 -8.32
C ARG C 183 20.58 -13.88 -9.31
N LYS C 184 20.25 -12.70 -8.82
CA LYS C 184 20.17 -11.47 -9.58
C LYS C 184 19.26 -11.52 -10.77
N ILE C 185 18.16 -12.24 -10.56
CA ILE C 185 17.07 -12.25 -11.50
C ILE C 185 15.99 -11.31 -10.93
N ARG C 186 15.60 -10.31 -11.72
CA ARG C 186 14.55 -9.35 -11.37
C ARG C 186 13.15 -9.87 -11.74
N VAL C 187 12.19 -9.53 -10.90
CA VAL C 187 10.78 -9.95 -11.10
C VAL C 187 9.95 -8.71 -10.74
N ASN C 188 9.20 -8.22 -11.71
CA ASN C 188 8.31 -7.07 -11.53
C ASN C 188 6.98 -7.34 -12.20
N ALA C 189 5.98 -6.55 -11.82
CA ALA C 189 4.66 -6.59 -12.48
C ALA C 189 4.34 -5.28 -13.15
N ILE C 190 3.53 -5.38 -14.20
CA ILE C 190 2.88 -4.23 -14.75
C ILE C 190 1.42 -4.46 -14.52
N ASN C 191 0.73 -3.40 -14.10
CA ASN C 191 -0.68 -3.46 -13.71
C ASN C 191 -1.43 -2.52 -14.67
N PRO C 192 -1.75 -3.01 -15.84
CA PRO C 192 -2.41 -2.14 -16.81
C PRO C 192 -3.80 -1.79 -16.50
N GLY C 193 -4.20 -0.60 -16.95
CA GLY C 193 -5.61 -0.25 -17.00
C GLY C 193 -6.33 -0.99 -18.10
N MET C 194 -7.52 -0.51 -18.44
CA MET C 194 -8.28 -1.06 -19.57
C MET C 194 -7.55 -0.61 -20.82
N ILE C 195 -7.27 -1.57 -21.68
CA ILE C 195 -6.53 -1.30 -22.89
C ILE C 195 -7.44 -1.70 -24.04
N VAL C 196 -7.69 -0.74 -24.94
CA VAL C 196 -8.49 -0.99 -26.15
C VAL C 196 -7.60 -1.40 -27.33
N THR C 197 -8.05 -2.43 -28.04
CA THR C 197 -7.30 -3.03 -29.13
C THR C 197 -8.00 -2.77 -30.47
N SER C 208 -19.15 1.54 -25.63
CA SER C 208 -19.91 0.92 -24.53
C SER C 208 -19.89 1.77 -23.28
N ASP C 209 -20.78 1.42 -22.35
CA ASP C 209 -20.92 2.10 -21.06
C ASP C 209 -19.59 2.04 -20.29
N LEU C 210 -18.95 0.87 -20.25
CA LEU C 210 -17.75 0.73 -19.44
C LEU C 210 -16.63 1.64 -19.94
N GLU C 211 -16.43 1.69 -21.25
CA GLU C 211 -15.39 2.52 -21.82
C GLU C 211 -15.57 3.98 -21.47
N ALA C 212 -16.81 4.45 -21.47
CA ALA C 212 -17.11 5.83 -21.13
C ALA C 212 -16.89 6.09 -19.63
N GLN C 213 -17.29 5.12 -18.81
CA GLN C 213 -17.07 5.22 -17.38
C GLN C 213 -15.56 5.26 -17.08
N VAL C 214 -14.81 4.37 -17.73
CA VAL C 214 -13.41 4.28 -17.40
C VAL C 214 -12.70 5.52 -17.87
N LEU C 215 -13.11 6.02 -19.03
CA LEU C 215 -12.53 7.22 -19.55
C LEU C 215 -12.71 8.36 -18.58
N GLY C 216 -13.92 8.47 -18.01
CA GLY C 216 -14.20 9.53 -17.06
C GLY C 216 -13.41 9.47 -15.77
N GLN C 217 -12.88 8.29 -15.43
CA GLN C 217 -12.06 8.14 -14.24
C GLN C 217 -10.55 8.17 -14.56
N THR C 218 -10.19 8.42 -15.82
CA THR C 218 -8.79 8.33 -16.24
C THR C 218 -8.19 9.73 -16.35
N PRO C 219 -7.32 10.10 -15.40
CA PRO C 219 -6.76 11.45 -15.38
C PRO C 219 -6.14 11.91 -16.69
N LEU C 220 -5.49 11.02 -17.47
CA LEU C 220 -4.77 11.47 -18.70
C LEU C 220 -5.67 11.51 -19.93
N GLY C 221 -6.97 11.29 -19.76
CA GLY C 221 -7.95 11.73 -20.76
C GLY C 221 -8.07 10.90 -22.01
N ARG C 222 -7.76 9.61 -21.93
CA ARG C 222 -7.96 8.72 -23.06
C ARG C 222 -7.96 7.31 -22.54
N LEU C 223 -8.28 6.35 -23.41
CA LEU C 223 -8.14 4.97 -23.02
C LEU C 223 -6.75 4.48 -23.42
N GLY C 224 -6.30 3.44 -22.74
CA GLY C 224 -4.98 2.89 -23.02
C GLY C 224 -4.93 2.09 -24.31
N GLU C 225 -3.73 2.01 -24.84
CA GLU C 225 -3.48 1.20 -26.00
C GLU C 225 -2.35 0.20 -25.68
N PRO C 226 -2.28 -0.91 -26.43
CA PRO C 226 -1.21 -1.88 -26.21
C PRO C 226 0.20 -1.31 -26.09
N ASN C 227 0.55 -0.33 -26.90
CA ASN C 227 1.91 0.19 -26.83
C ASN C 227 2.15 1.01 -25.59
N ASP C 228 1.08 1.46 -24.92
CA ASP C 228 1.29 2.05 -23.59
C ASP C 228 1.88 1.04 -22.60
N ILE C 229 1.55 -0.22 -22.76
CA ILE C 229 2.09 -1.28 -21.89
C ILE C 229 3.42 -1.75 -22.42
N ALA C 230 3.52 -1.91 -23.75
CA ALA C 230 4.74 -2.38 -24.36
C ALA C 230 5.98 -1.59 -23.93
N SER C 231 5.91 -0.26 -23.96
CA SER C 231 7.06 0.58 -23.63
C SER C 231 7.52 0.38 -22.20
N VAL C 232 6.60 0.05 -21.31
CA VAL C 232 6.96 -0.18 -19.92
C VAL C 232 7.61 -1.55 -19.77
N ALA C 233 7.13 -2.53 -20.50
CA ALA C 233 7.72 -3.86 -20.45
C ALA C 233 9.18 -3.80 -20.95
N VAL C 234 9.42 -3.03 -22.00
CA VAL C 234 10.79 -2.87 -22.54
C VAL C 234 11.72 -2.27 -21.46
N PHE C 235 11.30 -1.17 -20.86
CA PHE C 235 12.00 -0.57 -19.74
C PHE C 235 12.34 -1.64 -18.68
N LEU C 236 11.33 -2.41 -18.22
CA LEU C 236 11.58 -3.39 -17.14
C LEU C 236 12.46 -4.53 -17.60
N ALA C 237 12.39 -4.86 -18.89
CA ALA C 237 13.23 -5.92 -19.43
C ALA C 237 14.70 -5.54 -19.50
N SER C 238 14.94 -4.25 -19.64
CA SER C 238 16.27 -3.68 -19.95
C SER C 238 17.06 -3.40 -18.64
N ASP C 239 18.36 -3.08 -18.81
CA ASP C 239 19.26 -2.74 -17.72
C ASP C 239 18.91 -1.39 -17.07
N ASP C 240 17.99 -0.66 -17.71
CA ASP C 240 17.52 0.62 -17.16
C ASP C 240 16.78 0.40 -15.82
N ALA C 241 16.22 -0.79 -15.68
CA ALA C 241 15.49 -1.19 -14.46
C ALA C 241 16.31 -2.15 -13.56
N ARG C 242 17.63 -2.13 -13.67
CA ARG C 242 18.49 -3.11 -12.95
C ARG C 242 18.40 -3.02 -11.44
N TRP C 243 17.96 -1.86 -10.93
CA TRP C 243 17.78 -1.67 -9.52
C TRP C 243 16.32 -1.70 -9.00
N MET C 244 15.41 -2.23 -9.81
CA MET C 244 14.04 -2.45 -9.44
C MET C 244 13.69 -3.94 -9.49
N THR C 245 13.15 -4.44 -8.39
CA THR C 245 12.60 -5.76 -8.35
C THR C 245 11.55 -5.81 -7.28
N GLY C 246 10.52 -6.60 -7.52
CA GLY C 246 9.36 -6.65 -6.63
C GLY C 246 8.36 -5.50 -6.82
N GLU C 247 8.49 -4.69 -7.87
CA GLU C 247 7.60 -3.52 -8.06
C GLU C 247 6.36 -3.89 -8.88
N HIS C 248 5.28 -3.09 -8.77
CA HIS C 248 4.04 -3.31 -9.53
C HIS C 248 3.77 -1.90 -10.13
N LEU C 249 3.99 -1.73 -11.43
CA LEU C 249 3.85 -0.43 -12.05
C LEU C 249 2.45 -0.32 -12.60
N VAL C 250 1.66 0.60 -12.07
CA VAL C 250 0.30 0.78 -12.56
C VAL C 250 0.39 1.64 -13.81
N VAL C 251 -0.10 1.09 -14.89
CA VAL C 251 -0.06 1.73 -16.22
C VAL C 251 -1.48 1.86 -16.74
N SER C 252 -2.13 2.91 -16.27
CA SER C 252 -3.59 3.08 -16.43
C SER C 252 -4.00 4.52 -16.79
N GLY C 253 -3.02 5.37 -17.05
CA GLY C 253 -3.25 6.78 -17.23
C GLY C 253 -3.64 7.54 -15.98
N GLY C 254 -3.20 7.04 -14.82
CA GLY C 254 -3.51 7.70 -13.59
C GLY C 254 -4.64 7.12 -12.77
N LEU C 255 -5.34 6.07 -13.24
CA LEU C 255 -6.42 5.50 -12.46
C LEU C 255 -5.87 4.49 -11.42
N ASN C 256 -6.15 4.72 -10.16
CA ASN C 256 -5.80 3.78 -9.08
C ASN C 256 -6.77 3.93 -7.92
N SER D 10 16.80 9.46 -30.06
CA SER D 10 16.96 10.12 -28.73
C SER D 10 15.60 10.49 -28.14
N LYS D 11 15.37 10.05 -26.91
CA LYS D 11 14.03 10.08 -26.31
C LYS D 11 13.55 11.46 -25.93
N LEU D 12 14.49 12.36 -25.67
CA LEU D 12 14.20 13.70 -25.25
C LEU D 12 14.83 14.77 -26.17
N ALA D 13 14.93 14.44 -27.46
CA ALA D 13 15.35 15.40 -28.49
C ALA D 13 14.48 16.64 -28.47
N GLY D 14 15.11 17.81 -28.43
CA GLY D 14 14.39 19.07 -28.47
C GLY D 14 13.78 19.50 -27.13
N LYS D 15 13.84 18.61 -26.12
CA LYS D 15 13.21 18.87 -24.83
C LYS D 15 14.19 19.58 -23.91
N VAL D 16 13.65 20.26 -22.90
CA VAL D 16 14.45 20.93 -21.87
C VAL D 16 14.04 20.41 -20.46
N ALA D 17 15.04 20.09 -19.64
CA ALA D 17 14.81 19.59 -18.29
C ALA D 17 15.48 20.52 -17.27
N ILE D 18 14.84 20.67 -16.10
CA ILE D 18 15.48 21.18 -14.90
C ILE D 18 15.72 20.04 -13.90
N VAL D 19 16.91 19.96 -13.33
CA VAL D 19 17.16 19.04 -12.20
C VAL D 19 17.72 19.86 -11.05
N THR D 20 16.99 19.84 -9.94
CA THR D 20 17.40 20.55 -8.74
C THR D 20 18.35 19.71 -7.88
N GLY D 21 19.14 20.39 -7.05
CA GLY D 21 20.23 19.78 -6.29
C GLY D 21 21.01 18.77 -7.12
N ALA D 22 21.59 19.25 -8.24
CA ALA D 22 22.28 18.45 -9.27
C ALA D 22 23.84 18.54 -9.30
N SER D 23 24.47 19.01 -8.23
CA SER D 23 25.94 19.20 -8.21
C SER D 23 26.67 17.91 -7.79
N LYS D 24 25.92 16.89 -7.37
CA LYS D 24 26.53 15.66 -6.89
C LYS D 24 25.51 14.51 -6.92
N GLY D 25 25.99 13.29 -6.71
CA GLY D 25 25.14 12.16 -6.39
C GLY D 25 24.08 11.88 -7.43
N ILE D 26 22.88 11.61 -6.93
CA ILE D 26 21.71 11.25 -7.76
C ILE D 26 21.39 12.28 -8.83
N GLY D 27 21.18 13.52 -8.39
CA GLY D 27 20.88 14.66 -9.27
C GLY D 27 21.86 14.87 -10.41
N ALA D 28 23.16 14.74 -10.13
CA ALA D 28 24.17 14.91 -11.17
C ALA D 28 24.09 13.79 -12.22
N ALA D 29 23.87 12.57 -11.74
CA ALA D 29 23.75 11.45 -12.65
C ALA D 29 22.49 11.57 -13.50
N ILE D 30 21.40 12.10 -12.91
CA ILE D 30 20.15 12.29 -13.65
C ILE D 30 20.37 13.33 -14.75
N ALA D 31 20.99 14.44 -14.37
CA ALA D 31 21.33 15.48 -15.34
C ALA D 31 22.11 14.92 -16.53
N LYS D 32 23.19 14.15 -16.30
CA LYS D 32 23.94 13.53 -17.44
C LYS D 32 23.14 12.52 -18.24
N ALA D 33 22.29 11.74 -17.55
CA ALA D 33 21.46 10.76 -18.26
C ALA D 33 20.43 11.42 -19.14
N LEU D 34 19.77 12.45 -18.64
CA LEU D 34 18.74 13.12 -19.45
C LEU D 34 19.34 13.79 -20.73
N ALA D 35 20.46 14.49 -20.55
CA ALA D 35 21.15 15.15 -21.69
C ALA D 35 21.67 14.07 -22.63
N ASP D 36 22.13 12.93 -22.10
CA ASP D 36 22.45 11.82 -22.98
C ASP D 36 21.31 11.39 -23.92
N GLU D 37 20.05 11.69 -23.57
CA GLU D 37 18.92 11.44 -24.48
C GLU D 37 18.40 12.67 -25.21
N GLY D 38 19.21 13.73 -25.28
CA GLY D 38 18.90 14.85 -26.16
C GLY D 38 18.33 16.05 -25.46
N ALA D 39 18.17 15.98 -24.14
CA ALA D 39 17.57 17.09 -23.40
C ALA D 39 18.60 18.13 -22.96
N ALA D 40 18.23 19.39 -23.09
CA ALA D 40 19.01 20.49 -22.55
C ALA D 40 18.67 20.63 -21.08
N VAL D 41 19.71 20.66 -20.24
CA VAL D 41 19.51 20.49 -18.81
C VAL D 41 20.00 21.73 -18.11
N VAL D 42 19.09 22.33 -17.34
CA VAL D 42 19.46 23.30 -16.33
C VAL D 42 19.89 22.51 -15.09
N VAL D 43 21.14 22.72 -14.67
CA VAL D 43 21.75 22.00 -13.58
C VAL D 43 21.76 22.93 -12.38
N ASN D 44 20.75 22.83 -11.53
CA ASN D 44 20.70 23.63 -10.32
C ASN D 44 21.58 23.06 -9.23
N TYR D 45 22.30 23.95 -8.53
CA TYR D 45 23.08 23.59 -7.36
C TYR D 45 22.74 24.52 -6.23
N ALA D 46 22.77 23.97 -5.03
CA ALA D 46 22.54 24.75 -3.84
C ALA D 46 23.87 25.44 -3.45
N SER D 47 25.00 24.72 -3.55
CA SER D 47 26.30 25.29 -3.19
C SER D 47 27.44 24.93 -4.16
N SER D 48 27.69 23.64 -4.38
CA SER D 48 28.90 23.20 -5.11
C SER D 48 28.95 23.55 -6.60
N LYS D 49 29.23 24.83 -6.90
CA LYS D 49 29.28 25.35 -8.29
C LYS D 49 30.21 24.52 -9.13
N ALA D 50 31.34 24.14 -8.55
CA ALA D 50 32.34 23.32 -9.23
C ALA D 50 31.73 22.01 -9.74
N GLY D 51 31.12 21.25 -8.83
CA GLY D 51 30.36 20.01 -9.20
C GLY D 51 29.39 20.24 -10.34
N ALA D 52 28.55 21.28 -10.20
CA ALA D 52 27.61 21.65 -11.26
C ALA D 52 28.30 21.96 -12.59
N ASP D 53 29.36 22.76 -12.52
CA ASP D 53 30.13 23.12 -13.69
C ASP D 53 30.73 21.87 -14.29
N ALA D 54 31.26 21.00 -13.43
CA ALA D 54 31.77 19.69 -13.86
C ALA D 54 30.71 18.90 -14.65
N VAL D 55 29.50 18.81 -14.08
CA VAL D 55 28.36 18.14 -14.73
C VAL D 55 28.08 18.79 -16.08
N VAL D 56 28.01 20.12 -16.10
CA VAL D 56 27.81 20.82 -17.38
C VAL D 56 28.93 20.49 -18.39
N SER D 57 30.18 20.47 -17.92
CA SER D 57 31.33 20.17 -18.80
C SER D 57 31.17 18.75 -19.39
N ALA D 58 30.95 17.79 -18.50
CA ALA D 58 30.67 16.40 -18.90
C ALA D 58 29.63 16.33 -20.01
N ILE D 59 28.61 17.20 -19.94
CA ILE D 59 27.51 17.22 -20.91
C ILE D 59 27.94 17.81 -22.25
N THR D 60 28.77 18.85 -22.21
CA THR D 60 29.22 19.54 -23.42
C THR D 60 30.45 18.85 -23.99
N GLY D 63 28.83 16.22 -25.76
CA GLY D 63 27.76 16.01 -26.75
C GLY D 63 26.59 17.00 -26.71
N GLY D 64 26.14 17.41 -25.52
CA GLY D 64 24.84 18.10 -25.39
C GLY D 64 24.88 19.56 -24.99
N ARG D 65 23.75 20.01 -24.45
CA ARG D 65 23.60 21.37 -23.91
C ARG D 65 23.28 21.37 -22.40
N ALA D 66 23.93 22.25 -21.65
CA ALA D 66 23.61 22.39 -20.23
C ALA D 66 24.04 23.72 -19.67
N VAL D 67 23.41 24.14 -18.58
CA VAL D 67 23.81 25.39 -17.95
C VAL D 67 23.63 25.26 -16.44
N ALA D 68 24.67 25.67 -15.71
CA ALA D 68 24.65 25.63 -14.28
C ALA D 68 23.81 26.80 -13.79
N VAL D 69 23.18 26.63 -12.64
CA VAL D 69 22.53 27.74 -11.93
C VAL D 69 22.47 27.51 -10.39
N GLY D 70 22.89 28.52 -9.65
CA GLY D 70 22.83 28.47 -8.18
C GLY D 70 21.49 28.92 -7.66
N GLY D 71 20.98 28.22 -6.64
CA GLY D 71 19.76 28.65 -5.95
C GLY D 71 19.28 27.66 -4.91
N ASP D 72 18.51 28.18 -3.95
CA ASP D 72 17.98 27.41 -2.83
C ASP D 72 16.46 27.36 -3.07
N VAL D 73 15.97 26.18 -3.50
CA VAL D 73 14.56 26.02 -3.89
C VAL D 73 13.57 26.30 -2.77
N SER D 74 14.02 26.30 -1.52
CA SER D 74 13.09 26.65 -0.42
C SER D 74 12.72 28.14 -0.43
N LYS D 75 13.45 28.93 -1.21
CA LYS D 75 13.28 30.39 -1.25
C LYS D 75 12.61 30.67 -2.59
N ALA D 76 11.45 31.30 -2.51
CA ALA D 76 10.54 31.44 -3.65
C ALA D 76 11.18 32.09 -4.87
N ALA D 77 12.04 33.07 -4.62
CA ALA D 77 12.66 33.80 -5.71
C ALA D 77 13.68 32.93 -6.40
N ASP D 78 14.41 32.08 -5.65
CA ASP D 78 15.41 31.20 -6.26
C ASP D 78 14.74 30.17 -7.18
N ALA D 79 13.64 29.60 -6.69
CA ALA D 79 12.86 28.61 -7.45
C ALA D 79 12.37 29.21 -8.76
N GLN D 80 11.88 30.44 -8.70
CA GLN D 80 11.42 31.11 -9.91
C GLN D 80 12.62 31.31 -10.83
N ARG D 81 13.75 31.77 -10.30
CA ARG D 81 14.92 32.01 -11.17
C ARG D 81 15.47 30.73 -11.81
N ILE D 82 15.31 29.60 -11.14
CA ILE D 82 15.71 28.34 -11.77
C ILE D 82 14.88 28.09 -13.02
N VAL D 83 13.57 28.23 -12.88
CA VAL D 83 12.68 28.03 -14.03
C VAL D 83 12.91 29.10 -15.12
N ASP D 84 13.07 30.36 -14.74
CA ASP D 84 13.30 31.44 -15.75
C ASP D 84 14.57 31.17 -16.55
N THR D 85 15.58 30.60 -15.88
CA THR D 85 16.83 30.18 -16.55
C THR D 85 16.61 29.21 -17.68
N ALA D 86 15.68 28.28 -17.48
CA ALA D 86 15.30 27.31 -18.51
C ALA D 86 14.68 27.98 -19.75
N ILE D 87 13.72 28.84 -19.48
CA ILE D 87 12.94 29.51 -20.50
C ILE D 87 13.81 30.56 -21.28
N GLU D 88 14.67 31.27 -20.55
CA GLU D 88 15.51 32.32 -21.11
C GLU D 88 16.63 31.70 -21.93
N THR D 89 17.16 30.55 -21.50
CA THR D 89 18.29 29.94 -22.20
C THR D 89 17.87 29.06 -23.34
N TYR D 90 16.79 28.30 -23.15
CA TYR D 90 16.37 27.36 -24.15
C TYR D 90 14.95 27.57 -24.71
N GLY D 91 14.20 28.55 -24.21
CA GLY D 91 12.85 28.81 -24.77
C GLY D 91 11.68 27.91 -24.37
N ARG D 92 11.93 26.89 -23.57
CA ARG D 92 10.85 25.96 -23.22
C ARG D 92 11.23 25.13 -22.03
N LEU D 93 10.24 24.41 -21.51
CA LEU D 93 10.43 23.52 -20.36
C LEU D 93 9.49 22.36 -20.48
N ASP D 94 10.07 21.16 -20.37
CA ASP D 94 9.36 19.92 -20.57
C ASP D 94 9.42 18.95 -19.38
N VAL D 95 10.57 18.86 -18.74
CA VAL D 95 10.82 17.91 -17.63
C VAL D 95 11.32 18.64 -16.38
N LEU D 96 10.67 18.41 -15.25
CA LEU D 96 11.19 18.89 -13.98
C LEU D 96 11.51 17.74 -13.03
N VAL D 97 12.76 17.69 -12.57
CA VAL D 97 13.17 16.72 -11.55
C VAL D 97 13.45 17.45 -10.22
N ASN D 98 12.56 17.21 -9.28
CA ASN D 98 12.71 17.80 -7.94
C ASN D 98 13.53 16.84 -7.12
N ASN D 99 14.82 17.14 -7.01
CA ASN D 99 15.78 16.27 -6.33
C ASN D 99 16.39 16.95 -5.12
N SER D 100 16.63 18.24 -5.24
CA SER D 100 17.09 19.02 -4.11
C SER D 100 16.61 18.33 -2.82
N GLY D 101 17.55 17.79 -2.07
CA GLY D 101 17.21 17.25 -0.78
C GLY D 101 18.35 17.33 0.21
N VAL D 102 17.93 17.63 1.44
CA VAL D 102 18.82 17.59 2.57
C VAL D 102 18.31 16.37 3.35
N TYR D 103 19.13 15.78 4.18
CA TYR D 103 18.61 14.74 5.11
C TYR D 103 19.24 14.95 6.46
N GLU D 104 18.49 14.65 7.50
CA GLU D 104 18.99 14.66 8.86
C GLU D 104 18.17 13.64 9.64
N PHE D 105 18.82 12.89 10.52
CA PHE D 105 18.16 11.84 11.30
C PHE D 105 18.23 12.17 12.76
N ALA D 106 17.15 11.87 13.48
CA ALA D 106 17.07 12.10 14.94
C ALA D 106 15.91 11.26 15.51
N PRO D 107 16.15 10.58 16.64
CA PRO D 107 14.99 9.98 17.36
C PRO D 107 14.06 11.04 17.90
N ILE D 108 12.86 10.61 18.27
CA ILE D 108 11.81 11.55 18.67
C ILE D 108 12.25 12.49 19.80
N GLU D 109 13.00 11.97 20.78
CA GLU D 109 13.48 12.79 21.90
C GLU D 109 14.36 13.97 21.44
N ALA D 110 15.03 13.81 20.31
CA ALA D 110 16.05 14.72 19.83
C ALA D 110 15.58 15.68 18.74
N ILE D 111 14.34 15.60 18.32
CA ILE D 111 13.76 16.49 17.33
C ILE D 111 13.59 17.98 17.81
N THR D 112 14.09 18.90 17.00
CA THR D 112 14.02 20.33 17.26
C THR D 112 13.27 21.01 16.17
N GLU D 113 12.85 22.24 16.45
CA GLU D 113 12.21 23.07 15.45
C GLU D 113 13.10 23.29 14.24
N GLU D 114 14.39 23.56 14.45
CA GLU D 114 15.29 23.77 13.34
C GLU D 114 15.45 22.52 12.44
N HIS D 115 15.49 21.34 13.06
CA HIS D 115 15.63 20.06 12.35
C HIS D 115 14.38 19.78 11.47
N TYR D 116 13.19 20.00 12.03
CA TYR D 116 11.94 19.98 11.30
C TYR D 116 11.93 20.98 10.12
N ARG D 117 12.13 22.28 10.40
CA ARG D 117 12.03 23.31 9.35
C ARG D 117 13.00 23.19 8.22
N ARG D 118 14.25 22.94 8.50
CA ARG D 118 15.24 22.86 7.42
C ARG D 118 14.93 21.71 6.45
N GLN D 119 14.47 20.58 6.99
CA GLN D 119 14.10 19.48 6.11
C GLN D 119 12.81 19.72 5.36
N PHE D 120 11.78 20.15 6.05
CA PHE D 120 10.53 20.39 5.33
C PHE D 120 10.59 21.52 4.33
N ASP D 121 11.31 22.57 4.68
CA ASP D 121 11.50 23.68 3.75
C ASP D 121 12.12 23.29 2.46
N THR D 122 13.18 22.54 2.49
CA THR D 122 13.79 22.12 1.22
C THR D 122 13.06 20.93 0.61
N ASN D 123 12.73 19.91 1.42
CA ASN D 123 12.22 18.62 0.85
C ASN D 123 10.77 18.68 0.43
N VAL D 124 10.05 19.66 0.97
CA VAL D 124 8.66 19.78 0.69
C VAL D 124 8.35 21.13 0.07
N PHE D 125 8.55 22.21 0.82
CA PHE D 125 8.18 23.53 0.26
C PHE D 125 8.97 23.78 -1.03
N GLY D 126 10.24 23.39 -1.07
CA GLY D 126 11.04 23.56 -2.32
C GLY D 126 10.51 22.82 -3.54
N VAL D 127 9.98 21.63 -3.33
CA VAL D 127 9.30 20.88 -4.38
C VAL D 127 8.05 21.64 -4.83
N LEU D 128 7.26 22.13 -3.88
CA LEU D 128 6.04 22.87 -4.26
C LEU D 128 6.34 24.22 -4.97
N LEU D 129 7.40 24.90 -4.56
CA LEU D 129 7.74 26.20 -5.15
C LEU D 129 8.27 26.02 -6.56
N THR D 130 9.19 25.10 -6.72
CA THR D 130 9.74 24.83 -8.01
C THR D 130 8.68 24.32 -8.95
N THR D 131 7.82 23.41 -8.48
CA THR D 131 6.74 22.92 -9.33
C THR D 131 5.80 24.05 -9.75
N GLN D 132 5.41 24.88 -8.78
CA GLN D 132 4.51 26.04 -9.01
C GLN D 132 5.09 26.99 -10.08
N ALA D 133 6.35 27.37 -9.95
CA ALA D 133 7.02 28.16 -11.01
C ALA D 133 6.98 27.48 -12.39
N ALA D 134 7.21 26.17 -12.39
CA ALA D 134 7.41 25.44 -13.64
C ALA D 134 6.13 25.22 -14.46
N VAL D 135 5.01 25.03 -13.76
CA VAL D 135 3.78 24.56 -14.37
C VAL D 135 3.20 25.54 -15.40
N LYS D 136 3.47 26.82 -15.19
CA LYS D 136 3.16 27.87 -16.21
C LYS D 136 3.64 27.45 -17.60
N HIS D 137 4.85 26.91 -17.64
CA HIS D 137 5.50 26.58 -18.87
C HIS D 137 5.27 25.15 -19.39
N LEU D 138 4.51 24.32 -18.65
CA LEU D 138 4.38 22.90 -19.01
C LEU D 138 3.09 22.64 -19.80
N GLY D 139 3.22 21.92 -20.92
CA GLY D 139 2.05 21.50 -21.71
C GLY D 139 1.89 19.99 -21.87
N GLU D 140 1.00 19.61 -22.79
CA GLU D 140 0.72 18.19 -23.07
C GLU D 140 2.01 17.37 -23.25
N GLY D 141 2.12 16.29 -22.49
CA GLY D 141 3.33 15.46 -22.47
C GLY D 141 4.51 15.89 -21.59
N ALA D 142 4.38 16.97 -20.83
CA ALA D 142 5.40 17.33 -19.86
C ALA D 142 5.40 16.26 -18.75
N SER D 143 6.53 16.16 -18.08
CA SER D 143 6.74 15.14 -17.03
C SER D 143 7.47 15.76 -15.83
N ILE D 144 6.81 15.65 -14.68
CA ILE D 144 7.40 16.03 -13.41
C ILE D 144 7.83 14.79 -12.63
N ILE D 145 9.08 14.76 -12.15
CA ILE D 145 9.60 13.59 -11.44
C ILE D 145 10.05 14.04 -10.07
N ASN D 146 9.41 13.52 -9.04
CA ASN D 146 9.80 13.90 -7.68
C ASN D 146 10.68 12.81 -7.08
N ILE D 147 11.87 13.18 -6.62
CA ILE D 147 12.73 12.20 -5.97
C ILE D 147 12.34 12.13 -4.49
N SER D 148 11.74 11.01 -4.14
CA SER D 148 11.32 10.74 -2.77
C SER D 148 12.34 9.78 -2.15
N SER D 149 11.90 8.68 -1.53
CA SER D 149 12.83 7.77 -0.85
C SER D 149 12.11 6.49 -0.47
N VAL D 150 12.87 5.40 -0.48
CA VAL D 150 12.36 4.13 0.01
C VAL D 150 11.87 4.22 1.44
N VAL D 151 12.29 5.24 2.20
CA VAL D 151 11.83 5.39 3.60
C VAL D 151 10.33 5.47 3.75
N THR D 152 9.61 5.88 2.71
CA THR D 152 8.13 5.90 2.82
C THR D 152 7.51 4.47 2.87
N SER D 153 8.24 3.47 2.43
CA SER D 153 7.88 2.07 2.60
C SER D 153 8.49 1.49 3.86
N ILE D 154 9.77 1.74 4.14
CA ILE D 154 10.42 1.00 5.24
C ILE D 154 10.45 1.77 6.58
N THR D 155 10.22 3.09 6.53
CA THR D 155 10.08 3.99 7.72
C THR D 155 11.00 3.65 8.90
N PRO D 156 12.33 3.82 8.72
CA PRO D 156 13.29 3.35 9.68
C PRO D 156 13.27 4.17 10.97
N PRO D 157 13.59 3.54 12.09
CA PRO D 157 13.69 4.35 13.31
C PRO D 157 14.66 5.54 13.15
N ALA D 158 14.37 6.63 13.86
CA ALA D 158 15.22 7.83 13.93
C ALA D 158 15.15 8.64 12.65
N SER D 159 14.06 8.46 11.87
CA SER D 159 13.87 9.17 10.62
C SER D 159 12.54 9.89 10.53
N ALA D 160 11.93 10.22 11.67
CA ALA D 160 10.58 10.78 11.62
C ALA D 160 10.45 11.99 10.73
N VAL D 161 11.38 12.92 10.85
CA VAL D 161 11.27 14.15 10.07
C VAL D 161 11.59 13.89 8.60
N TYR D 162 12.68 13.18 8.33
CA TYR D 162 13.11 12.89 6.95
C TYR D 162 12.06 12.02 6.23
N SER D 163 11.59 10.97 6.88
CA SER D 163 10.53 10.12 6.26
C SER D 163 9.26 10.94 6.14
N GLY D 164 8.99 11.78 7.13
CA GLY D 164 7.85 12.66 6.97
C GLY D 164 7.87 13.51 5.73
N THR D 165 9.02 14.10 5.44
CA THR D 165 9.15 14.88 4.23
C THR D 165 8.85 14.03 3.01
N LYS D 166 9.34 12.79 3.00
CA LYS D 166 9.22 11.96 1.82
C LYS D 166 7.77 11.44 1.67
N GLY D 167 7.09 11.20 2.80
CA GLY D 167 5.68 10.82 2.79
C GLY D 167 4.84 11.96 2.18
N ALA D 168 5.23 13.19 2.48
CA ALA D 168 4.57 14.38 1.95
C ALA D 168 4.79 14.47 0.45
N VAL D 169 6.03 14.25 0.03
CA VAL D 169 6.34 14.24 -1.42
C VAL D 169 5.50 13.17 -2.13
N ASP D 170 5.40 11.97 -1.55
CA ASP D 170 4.57 10.87 -2.16
C ASP D 170 3.13 11.33 -2.34
N ALA D 171 2.56 11.94 -1.32
CA ALA D 171 1.19 12.42 -1.38
C ALA D 171 1.00 13.57 -2.37
N ILE D 172 1.93 14.53 -2.37
CA ILE D 172 1.94 15.64 -3.34
C ILE D 172 1.97 15.10 -4.76
N THR D 173 2.80 14.09 -5.02
CA THR D 173 2.84 13.42 -6.32
C THR D 173 1.45 12.92 -6.76
N GLY D 174 0.75 12.23 -5.87
CA GLY D 174 -0.57 11.73 -6.16
C GLY D 174 -1.55 12.88 -6.47
N VAL D 175 -1.47 13.93 -5.66
CA VAL D 175 -2.42 15.06 -5.82
C VAL D 175 -2.20 15.72 -7.17
N LEU D 176 -0.95 16.04 -7.49
CA LEU D 176 -0.66 16.74 -8.74
C LEU D 176 -0.87 15.88 -10.01
N ALA D 177 -0.67 14.57 -9.91
CA ALA D 177 -1.03 13.68 -11.02
C ALA D 177 -2.53 13.87 -11.40
N LEU D 178 -3.39 13.93 -10.39
CA LEU D 178 -4.82 14.12 -10.64
C LEU D 178 -5.12 15.56 -11.02
N GLU D 179 -4.47 16.51 -10.38
CA GLU D 179 -4.70 17.93 -10.63
C GLU D 179 -4.26 18.36 -12.02
N LEU D 180 -3.12 17.84 -12.48
CA LEU D 180 -2.57 18.22 -13.79
C LEU D 180 -2.91 17.22 -14.93
N GLY D 181 -3.54 16.10 -14.57
CA GLY D 181 -4.07 15.15 -15.53
C GLY D 181 -4.80 15.81 -16.72
N PRO D 182 -5.79 16.66 -16.45
CA PRO D 182 -6.50 17.38 -17.56
C PRO D 182 -5.59 18.12 -18.52
N ARG D 183 -4.48 18.66 -18.04
CA ARG D 183 -3.45 19.28 -18.89
C ARG D 183 -2.47 18.28 -19.52
N LYS D 184 -2.64 16.98 -19.20
CA LYS D 184 -1.77 15.93 -19.70
C LYS D 184 -0.33 16.09 -19.26
N ILE D 185 -0.12 16.69 -18.08
CA ILE D 185 1.20 16.74 -17.51
C ILE D 185 1.26 15.53 -16.54
N ARG D 186 2.24 14.66 -16.74
CA ARG D 186 2.49 13.52 -15.82
C ARG D 186 3.29 13.90 -14.57
N VAL D 187 2.97 13.26 -13.45
CA VAL D 187 3.67 13.52 -12.20
C VAL D 187 3.89 12.16 -11.50
N ASN D 188 5.15 11.81 -11.28
CA ASN D 188 5.52 10.52 -10.66
C ASN D 188 6.69 10.70 -9.72
N ALA D 189 6.91 9.74 -8.82
CA ALA D 189 8.01 9.78 -7.89
C ALA D 189 8.92 8.59 -8.13
N ILE D 190 10.20 8.77 -7.90
CA ILE D 190 11.14 7.67 -7.64
C ILE D 190 11.40 7.64 -6.15
N ASN D 191 11.43 6.44 -5.61
CA ASN D 191 11.72 6.22 -4.21
C ASN D 191 13.01 5.42 -4.15
N PRO D 192 14.15 6.11 -4.22
CA PRO D 192 15.44 5.43 -4.09
C PRO D 192 15.74 4.78 -2.78
N GLY D 193 16.48 3.69 -2.83
CA GLY D 193 17.09 3.11 -1.66
C GLY D 193 18.34 3.89 -1.34
N MET D 194 19.17 3.37 -0.45
CA MET D 194 20.45 4.02 -0.10
C MET D 194 21.34 3.96 -1.31
N ILE D 195 21.83 5.12 -1.71
CA ILE D 195 22.70 5.26 -2.87
C ILE D 195 24.07 5.69 -2.41
N VAL D 196 25.07 4.88 -2.70
CA VAL D 196 26.43 5.23 -2.30
C VAL D 196 26.96 6.24 -3.33
N THR D 197 27.19 7.47 -2.86
CA THR D 197 27.64 8.62 -3.69
C THR D 197 28.81 9.34 -3.03
N ALA D 203 29.62 9.07 7.55
CA ALA D 203 30.88 8.49 7.07
C ALA D 203 31.45 7.62 8.21
N GLY D 204 32.74 7.27 8.14
CA GLY D 204 33.40 6.52 9.22
C GLY D 204 32.72 5.19 9.54
N ILE D 205 32.83 4.75 10.77
CA ILE D 205 32.22 3.50 11.17
C ILE D 205 30.69 3.49 10.97
N ILE D 206 30.06 4.67 11.14
CA ILE D 206 28.61 4.82 11.00
C ILE D 206 28.17 4.49 9.57
N GLY D 207 28.84 5.06 8.58
CA GLY D 207 28.55 4.75 7.15
C GLY D 207 28.81 3.29 6.76
N SER D 208 29.96 2.75 7.17
CA SER D 208 30.29 1.33 6.95
C SER D 208 29.28 0.38 7.58
N ASP D 209 28.99 0.57 8.88
CA ASP D 209 27.99 -0.28 9.57
C ASP D 209 26.61 -0.24 8.90
N LEU D 210 26.18 0.95 8.51
CA LEU D 210 24.90 1.11 7.83
C LEU D 210 24.93 0.39 6.47
N GLU D 211 25.97 0.64 5.70
CA GLU D 211 26.12 -0.01 4.41
C GLU D 211 26.04 -1.53 4.47
N ALA D 212 26.69 -2.15 5.47
CA ALA D 212 26.59 -3.62 5.64
C ALA D 212 25.16 -4.07 5.99
N GLN D 213 24.50 -3.30 6.85
CA GLN D 213 23.15 -3.65 7.28
C GLN D 213 22.14 -3.56 6.10
N VAL D 214 22.28 -2.52 5.30
CA VAL D 214 21.39 -2.32 4.14
C VAL D 214 21.70 -3.36 3.05
N LEU D 215 22.97 -3.58 2.77
CA LEU D 215 23.37 -4.66 1.83
C LEU D 215 22.67 -5.98 2.18
N GLY D 216 22.73 -6.36 3.45
CA GLY D 216 22.15 -7.61 3.92
C GLY D 216 20.63 -7.67 3.70
N GLN D 217 19.99 -6.52 3.68
CA GLN D 217 18.53 -6.51 3.46
C GLN D 217 18.19 -6.27 1.98
N THR D 218 19.19 -6.17 1.11
CA THR D 218 18.94 -5.79 -0.27
C THR D 218 18.94 -7.04 -1.13
N PRO D 219 17.77 -7.39 -1.67
CA PRO D 219 17.75 -8.67 -2.39
C PRO D 219 18.74 -8.81 -3.58
N LEU D 220 18.98 -7.73 -4.33
CA LEU D 220 19.87 -7.85 -5.51
C LEU D 220 21.36 -7.82 -5.15
N GLY D 221 21.69 -7.73 -3.86
CA GLY D 221 23.03 -8.09 -3.40
C GLY D 221 24.16 -7.10 -3.63
N ARG D 222 23.85 -5.83 -3.79
CA ARG D 222 24.86 -4.81 -3.73
C ARG D 222 24.20 -3.54 -3.23
N LEU D 223 24.98 -2.49 -3.06
CA LEU D 223 24.43 -1.17 -2.80
C LEU D 223 24.15 -0.41 -4.08
N GLY D 224 23.15 0.48 -4.00
CA GLY D 224 22.74 1.30 -5.10
C GLY D 224 23.80 2.35 -5.48
N GLU D 225 23.84 2.67 -6.77
CA GLU D 225 24.68 3.72 -7.31
C GLU D 225 23.79 4.78 -7.93
N PRO D 226 24.32 5.98 -8.12
CA PRO D 226 23.49 7.04 -8.72
C PRO D 226 22.87 6.77 -10.09
N ASN D 227 23.56 6.02 -10.96
CA ASN D 227 22.99 5.69 -12.26
C ASN D 227 21.81 4.73 -12.15
N ASP D 228 21.75 3.96 -11.08
CA ASP D 228 20.58 3.10 -10.86
C ASP D 228 19.30 3.95 -10.79
N ILE D 229 19.39 5.16 -10.26
CA ILE D 229 18.24 6.08 -10.21
C ILE D 229 18.10 6.84 -11.52
N ALA D 230 19.24 7.28 -12.06
CA ALA D 230 19.21 8.08 -13.28
C ALA D 230 18.46 7.44 -14.44
N SER D 231 18.72 6.17 -14.67
CA SER D 231 18.08 5.50 -15.78
C SER D 231 16.52 5.42 -15.61
N VAL D 232 16.05 5.31 -14.38
CA VAL D 232 14.60 5.32 -14.12
C VAL D 232 14.02 6.72 -14.35
N ALA D 233 14.79 7.76 -14.03
CA ALA D 233 14.32 9.12 -14.28
C ALA D 233 14.14 9.38 -15.77
N VAL D 234 15.05 8.84 -16.57
CA VAL D 234 15.01 9.03 -18.02
C VAL D 234 13.78 8.32 -18.55
N PHE D 235 13.46 7.15 -17.99
CA PHE D 235 12.23 6.46 -18.41
C PHE D 235 11.01 7.32 -18.10
N LEU D 236 10.90 7.81 -16.86
CA LEU D 236 9.74 8.61 -16.48
C LEU D 236 9.62 9.93 -17.22
N ALA D 237 10.77 10.55 -17.59
CA ALA D 237 10.81 11.77 -18.40
C ALA D 237 10.32 11.58 -19.81
N SER D 238 10.53 10.38 -20.30
CA SER D 238 10.28 10.00 -21.65
C SER D 238 8.86 9.59 -21.92
N ASP D 239 8.56 9.50 -23.20
CA ASP D 239 7.27 9.07 -23.66
C ASP D 239 6.97 7.57 -23.40
N ASP D 240 8.01 6.80 -23.05
CA ASP D 240 7.86 5.40 -22.75
C ASP D 240 6.99 5.22 -21.52
N ALA D 241 6.95 6.25 -20.69
CA ALA D 241 6.10 6.29 -19.49
C ALA D 241 4.85 7.14 -19.69
N ARG D 242 4.39 7.28 -20.94
CA ARG D 242 3.27 8.21 -21.23
C ARG D 242 1.94 7.78 -20.63
N TRP D 243 1.81 6.50 -20.25
CA TRP D 243 0.56 6.02 -19.61
C TRP D 243 0.68 5.78 -18.08
N MET D 244 1.70 6.40 -17.47
CA MET D 244 1.88 6.38 -16.01
C MET D 244 1.86 7.76 -15.43
N THR D 245 0.99 7.95 -14.43
CA THR D 245 1.00 9.11 -13.62
C THR D 245 0.47 8.81 -12.23
N GLY D 246 1.09 9.47 -11.22
CA GLY D 246 0.72 9.28 -9.84
C GLY D 246 1.40 8.05 -9.21
N GLU D 247 2.39 7.50 -9.90
CA GLU D 247 3.10 6.27 -9.42
C GLU D 247 4.32 6.62 -8.58
N HIS D 248 4.81 5.68 -7.80
CA HIS D 248 5.93 5.89 -6.95
C HIS D 248 6.78 4.63 -7.16
N LEU D 249 7.91 4.76 -7.81
CA LEU D 249 8.75 3.61 -8.24
C LEU D 249 9.83 3.43 -7.22
N VAL D 250 9.77 2.32 -6.48
CA VAL D 250 10.87 2.00 -5.55
C VAL D 250 12.07 1.41 -6.29
N VAL D 251 13.20 2.07 -6.11
CA VAL D 251 14.43 1.70 -6.80
C VAL D 251 15.48 1.48 -5.74
N SER D 252 15.45 0.29 -5.13
CA SER D 252 16.23 0.00 -3.95
C SER D 252 16.86 -1.36 -4.02
N GLY D 253 16.90 -1.96 -5.20
CA GLY D 253 17.37 -3.31 -5.31
C GLY D 253 16.46 -4.34 -4.65
N GLY D 254 15.18 -4.00 -4.50
CA GLY D 254 14.21 -4.95 -3.95
C GLY D 254 13.85 -4.76 -2.48
N LEU D 255 14.47 -3.80 -1.81
CA LEU D 255 14.12 -3.52 -0.39
C LEU D 255 12.84 -2.69 -0.30
N ASN D 256 11.83 -3.22 0.38
CA ASN D 256 10.63 -2.47 0.62
C ASN D 256 9.99 -2.91 1.95
#